data_4WKP
#
_entry.id   4WKP
#
_cell.length_a   72.706
_cell.length_b   74.078
_cell.length_c   176.328
_cell.angle_alpha   90.000
_cell.angle_beta   90.000
_cell.angle_gamma   90.000
#
_symmetry.space_group_name_H-M   'P 21 21 21'
#
loop_
_entity.id
_entity.type
_entity.pdbx_description
1 polymer 'Aminodeoxyfutalosine nucleosidase'
2 non-polymer (3R,4S)-1-[(4-amino-5H-pyrrolo[3,2-d]pyrimidin-7-yl)methyl]-4-(2-{[2-(2-hydroxyethoxy)ethyl]sulfanyl}ethyl)pyrrolidin-3-ol
3 non-polymer 'SULFATE ION'
4 water water
#
_entity_poly.entity_id   1
_entity_poly.type   'polypeptide(L)'
_entity_poly.pdbx_seq_one_letter_code
;MGHHHHHHENLYFQGVQKIGILGAMREEITPILELFGVDFEEIPLGGNVFHKGVYHNKEIIVAYSKIGKVHSTLTTTSMI
LAFGVQKVLFSGVAGSLVKDLKINDLLVATQLVQHDVDLSAFDHPLGFIPESAIFIETSGSLNALAKKIANEQHIALKEG
VIASGDQFVHSKERKEFLVSEFKASAVEMEGASVAFVCQKFGVPCCVLRSISDNADEKAGMSFDEFLEKSAHTSAKFLKS
MVDEL
;
_entity_poly.pdbx_strand_id   A,B,C,D
#
loop_
_chem_comp.id
_chem_comp.type
_chem_comp.name
_chem_comp.formula
3QA non-polymer (3R,4S)-1-[(4-amino-5H-pyrrolo[3,2-d]pyrimidin-7-yl)methyl]-4-(2-{[2-(2-hydroxyethoxy)ethyl]sulfanyl}ethyl)pyrrolidin-3-ol 'C17 H27 N5 O3 S'
SO4 non-polymer 'SULFATE ION' 'O4 S -2'
#
# COMPACT_ATOMS: atom_id res chain seq x y z
N VAL A 16 39.18 8.95 -15.00
CA VAL A 16 39.06 7.91 -13.93
C VAL A 16 38.18 6.78 -14.41
N GLN A 17 38.54 5.55 -14.05
CA GLN A 17 37.79 4.38 -14.48
C GLN A 17 36.72 4.03 -13.44
N LYS A 18 35.47 3.87 -13.90
CA LYS A 18 34.37 3.49 -13.03
C LYS A 18 33.83 2.11 -13.43
N ILE A 19 33.84 1.17 -12.49
CA ILE A 19 33.48 -0.21 -12.81
C ILE A 19 32.32 -0.66 -11.96
N GLY A 20 31.27 -1.14 -12.61
CA GLY A 20 30.10 -1.67 -11.92
C GLY A 20 30.27 -3.16 -11.76
N ILE A 21 30.00 -3.63 -10.55
CA ILE A 21 30.11 -5.04 -10.19
C ILE A 21 28.76 -5.47 -9.62
N LEU A 22 28.18 -6.49 -10.25
CA LEU A 22 26.82 -6.89 -9.96
C LEU A 22 26.73 -8.35 -9.61
N GLY A 23 25.90 -8.66 -8.62
CA GLY A 23 25.37 -9.99 -8.42
C GLY A 23 23.86 -9.90 -8.38
N ALA A 24 23.18 -11.04 -8.33
CA ALA A 24 21.71 -11.06 -8.24
C ALA A 24 21.22 -11.12 -6.79
N MET A 25 21.88 -11.96 -6.00
CA MET A 25 21.51 -12.14 -4.60
C MET A 25 22.57 -11.51 -3.71
N ARG A 26 22.15 -11.09 -2.51
CA ARG A 26 23.11 -10.55 -1.54
C ARG A 26 24.24 -11.52 -1.32
N GLU A 27 23.92 -12.81 -1.27
CA GLU A 27 24.91 -13.84 -1.06
C GLU A 27 25.98 -13.87 -2.13
N GLU A 28 25.65 -13.40 -3.33
CA GLU A 28 26.64 -13.33 -4.40
C GLU A 28 27.59 -12.17 -4.26
N ILE A 29 27.19 -11.08 -3.60
CA ILE A 29 28.10 -9.95 -3.42
C ILE A 29 28.80 -9.94 -2.07
N THR A 30 28.31 -10.71 -1.11
CA THR A 30 29.02 -10.84 0.19
C THR A 30 30.54 -11.10 0.02
N PRO A 31 30.92 -12.12 -0.76
CA PRO A 31 32.35 -12.33 -0.98
C PRO A 31 33.04 -11.26 -1.81
N ILE A 32 32.33 -10.56 -2.69
CA ILE A 32 32.91 -9.46 -3.45
C ILE A 32 33.33 -8.34 -2.48
N LEU A 33 32.41 -7.96 -1.60
CA LEU A 33 32.68 -6.85 -0.68
C LEU A 33 33.84 -7.22 0.22
N GLU A 34 33.85 -8.47 0.68
CA GLU A 34 34.89 -8.97 1.58
C GLU A 34 36.25 -9.04 0.89
N LEU A 35 36.27 -9.60 -0.31
CA LEU A 35 37.54 -9.79 -1.03
C LEU A 35 38.20 -8.47 -1.43
N PHE A 36 37.42 -7.47 -1.82
CA PHE A 36 38.01 -6.16 -2.15
C PHE A 36 38.51 -5.48 -0.88
N GLY A 37 37.72 -5.56 0.18
CA GLY A 37 38.16 -5.18 1.53
C GLY A 37 38.29 -3.69 1.80
N VAL A 38 37.96 -2.85 0.82
CA VAL A 38 38.06 -1.40 0.96
C VAL A 38 36.81 -0.84 1.65
N ASP A 39 36.86 0.44 2.00
CA ASP A 39 35.73 1.11 2.61
C ASP A 39 34.73 1.47 1.51
N PHE A 40 33.47 1.12 1.75
CA PHE A 40 32.40 1.37 0.80
C PHE A 40 31.42 2.36 1.40
N GLU A 41 31.02 3.35 0.60
CA GLU A 41 29.92 4.22 0.95
C GLU A 41 28.65 3.59 0.38
N GLU A 42 27.59 3.51 1.19
CA GLU A 42 26.33 2.91 0.77
C GLU A 42 25.36 3.98 0.26
N ILE A 43 24.87 3.81 -0.96
CA ILE A 43 24.02 4.79 -1.63
C ILE A 43 22.73 4.13 -2.09
N PRO A 44 21.59 4.48 -1.47
CA PRO A 44 20.31 3.87 -1.85
C PRO A 44 19.72 4.52 -3.11
N LEU A 45 19.21 3.70 -4.03
CA LEU A 45 18.57 4.23 -5.23
C LEU A 45 17.70 3.13 -5.84
N GLY A 46 16.42 3.44 -6.08
CA GLY A 46 15.53 2.51 -6.80
C GLY A 46 15.39 1.16 -6.16
N GLY A 47 15.47 1.09 -4.83
CA GLY A 47 15.33 -0.16 -4.11
C GLY A 47 16.58 -1.03 -4.08
N ASN A 48 17.69 -0.50 -4.59
CA ASN A 48 18.98 -1.15 -4.45
C ASN A 48 19.88 -0.35 -3.55
N VAL A 49 20.90 -1.01 -3.00
CA VAL A 49 21.98 -0.31 -2.29
C VAL A 49 23.29 -0.47 -3.05
N PHE A 50 23.89 0.64 -3.44
CA PHE A 50 25.14 0.64 -4.18
C PHE A 50 26.27 0.94 -3.23
N HIS A 51 27.30 0.10 -3.28
CA HIS A 51 28.49 0.22 -2.43
C HIS A 51 29.60 0.80 -3.27
N LYS A 52 30.01 2.04 -2.95
CA LYS A 52 30.92 2.79 -3.79
C LYS A 52 32.25 2.96 -3.06
N GLY A 53 33.32 2.47 -3.68
CA GLY A 53 34.67 2.52 -3.11
C GLY A 53 35.73 2.78 -4.16
N VAL A 54 36.99 2.86 -3.72
CA VAL A 54 38.11 3.03 -4.65
C VAL A 54 39.07 1.89 -4.42
N TYR A 55 39.58 1.35 -5.51
CA TYR A 55 40.46 0.19 -5.48
C TYR A 55 41.45 0.30 -6.63
N HIS A 56 42.74 0.40 -6.30
CA HIS A 56 43.78 0.48 -7.34
C HIS A 56 43.47 1.55 -8.39
N ASN A 57 43.09 2.73 -7.93
CA ASN A 57 42.83 3.90 -8.78
C ASN A 57 41.51 3.83 -9.54
N LYS A 58 40.71 2.79 -9.29
CA LYS A 58 39.44 2.60 -9.97
C LYS A 58 38.31 2.79 -8.98
N GLU A 59 37.27 3.48 -9.41
CA GLU A 59 36.05 3.55 -8.65
C GLU A 59 35.27 2.27 -8.90
N ILE A 60 34.91 1.55 -7.85
CA ILE A 60 34.12 0.31 -7.99
C ILE A 60 32.77 0.52 -7.32
N ILE A 61 31.71 0.13 -8.01
CA ILE A 61 30.35 0.28 -7.49
C ILE A 61 29.75 -1.12 -7.49
N VAL A 62 29.42 -1.62 -6.30
CA VAL A 62 28.97 -3.00 -6.13
C VAL A 62 27.50 -3.01 -5.67
N ALA A 63 26.66 -3.84 -6.28
CA ALA A 63 25.27 -4.00 -5.83
C ALA A 63 24.75 -5.38 -6.17
N TYR A 64 23.79 -5.87 -5.40
CA TYR A 64 22.98 -7.00 -5.82
C TYR A 64 21.64 -6.48 -6.31
N SER A 65 21.18 -7.04 -7.43
CA SER A 65 19.98 -6.52 -8.09
C SER A 65 18.67 -7.00 -7.47
N LYS A 66 18.74 -8.18 -6.83
CA LYS A 66 17.60 -9.05 -6.53
C LYS A 66 17.33 -9.92 -7.77
N ILE A 67 16.56 -10.97 -7.55
CA ILE A 67 16.46 -12.07 -8.48
C ILE A 67 15.66 -11.72 -9.73
N GLY A 68 16.13 -12.19 -10.87
CA GLY A 68 15.31 -12.22 -12.09
C GLY A 68 15.55 -11.08 -13.06
N LYS A 69 14.85 -11.13 -14.19
CA LYS A 69 15.16 -10.27 -15.32
C LYS A 69 14.81 -8.81 -15.09
N VAL A 70 13.64 -8.53 -14.51
CA VAL A 70 13.25 -7.15 -14.25
C VAL A 70 14.17 -6.48 -13.22
N HIS A 71 14.39 -7.16 -12.11
CA HIS A 71 15.30 -6.63 -11.09
C HIS A 71 16.66 -6.30 -11.70
N SER A 72 17.24 -7.26 -12.41
CA SER A 72 18.61 -7.05 -12.92
C SER A 72 18.68 -5.97 -14.00
N THR A 73 17.64 -5.85 -14.81
CA THR A 73 17.57 -4.79 -15.82
C THR A 73 17.56 -3.42 -15.16
N LEU A 74 16.74 -3.29 -14.13
CA LEU A 74 16.61 -2.04 -13.39
C LEU A 74 17.98 -1.65 -12.82
N THR A 75 18.59 -2.57 -12.10
CA THR A 75 19.82 -2.25 -11.40
C THR A 75 20.96 -1.91 -12.36
N THR A 76 21.04 -2.64 -13.47
CA THR A 76 22.08 -2.34 -14.47
C THR A 76 21.87 -0.96 -15.08
N THR A 77 20.62 -0.59 -15.35
CA THR A 77 20.30 0.70 -15.92
C THR A 77 20.67 1.81 -14.91
N SER A 78 20.36 1.59 -13.63
CA SER A 78 20.77 2.52 -12.57
C SER A 78 22.27 2.69 -12.49
N MET A 79 23.00 1.58 -12.54
CA MET A 79 24.47 1.64 -12.51
C MET A 79 25.01 2.53 -13.58
N ILE A 80 24.51 2.34 -14.79
CA ILE A 80 25.01 3.08 -15.93
C ILE A 80 24.60 4.56 -15.84
N LEU A 81 23.31 4.83 -15.62
CA LEU A 81 22.81 6.22 -15.68
C LEU A 81 23.18 7.05 -14.46
N ALA A 82 23.03 6.45 -13.28
CA ALA A 82 23.26 7.18 -12.04
C ALA A 82 24.72 7.20 -11.63
N PHE A 83 25.46 6.14 -11.91
CA PHE A 83 26.85 6.06 -11.45
C PHE A 83 27.88 6.16 -12.57
N GLY A 84 27.43 6.20 -13.82
CA GLY A 84 28.32 6.46 -14.93
C GLY A 84 29.40 5.40 -15.14
N VAL A 85 29.10 4.15 -14.81
CA VAL A 85 30.11 3.09 -15.02
C VAL A 85 30.48 2.91 -16.48
N GLN A 86 31.74 2.55 -16.73
CA GLN A 86 32.19 2.33 -18.09
C GLN A 86 32.34 0.86 -18.41
N LYS A 87 32.32 0.02 -17.38
CA LYS A 87 32.31 -1.43 -17.57
C LYS A 87 31.39 -2.04 -16.54
N VAL A 88 30.78 -3.17 -16.88
CA VAL A 88 29.98 -3.91 -15.91
C VAL A 88 30.44 -5.36 -15.89
N LEU A 89 30.75 -5.84 -14.69
CA LEU A 89 31.17 -7.20 -14.48
C LEU A 89 30.14 -7.86 -13.58
N PHE A 90 29.54 -8.93 -14.06
CA PHE A 90 28.58 -9.68 -13.28
C PHE A 90 29.24 -10.93 -12.71
N SER A 91 28.97 -11.21 -11.45
CA SER A 91 29.47 -12.41 -10.79
C SER A 91 28.37 -13.09 -10.00
N GLY A 92 28.31 -14.41 -10.11
CA GLY A 92 27.30 -15.18 -9.40
C GLY A 92 27.34 -16.65 -9.73
N VAL A 93 26.24 -17.32 -9.46
CA VAL A 93 26.16 -18.77 -9.63
C VAL A 93 25.18 -19.16 -10.73
N ALA A 94 25.26 -20.40 -11.19
CA ALA A 94 24.40 -20.86 -12.28
C ALA A 94 24.20 -22.36 -12.28
N GLY A 95 23.15 -22.78 -12.98
CA GLY A 95 22.90 -24.19 -13.23
C GLY A 95 23.64 -24.69 -14.46
N SER A 96 24.29 -25.84 -14.35
CA SER A 96 24.98 -26.44 -15.49
C SER A 96 24.07 -27.22 -16.41
N LEU A 97 24.27 -27.05 -17.72
CA LEU A 97 23.54 -27.81 -18.73
C LEU A 97 24.44 -28.78 -19.51
N VAL A 98 25.72 -28.85 -19.16
CA VAL A 98 26.67 -29.68 -19.91
C VAL A 98 27.54 -30.48 -18.94
N LYS A 99 27.81 -31.73 -19.29
CA LYS A 99 28.50 -32.64 -18.37
C LYS A 99 29.88 -32.14 -17.91
N ASP A 100 30.57 -31.40 -18.77
CA ASP A 100 31.92 -30.89 -18.48
C ASP A 100 31.95 -29.66 -17.54
N LEU A 101 30.78 -29.09 -17.24
CA LEU A 101 30.67 -28.04 -16.23
C LEU A 101 30.11 -28.65 -14.96
N LYS A 102 30.98 -28.84 -13.98
CA LYS A 102 30.61 -29.44 -12.72
C LYS A 102 30.52 -28.39 -11.64
N ILE A 103 30.02 -28.80 -10.47
CA ILE A 103 29.88 -27.91 -9.35
C ILE A 103 31.17 -27.16 -9.09
N ASN A 104 31.04 -25.85 -8.86
CA ASN A 104 32.17 -24.92 -8.67
C ASN A 104 32.91 -24.45 -9.92
N ASP A 105 32.72 -25.11 -11.07
CA ASP A 105 33.41 -24.70 -12.29
C ASP A 105 32.94 -23.32 -12.78
N LEU A 106 33.88 -22.59 -13.38
CA LEU A 106 33.63 -21.25 -13.90
C LEU A 106 33.35 -21.25 -15.38
N LEU A 107 32.45 -20.37 -15.77
CA LEU A 107 32.07 -20.16 -17.14
C LEU A 107 32.00 -18.66 -17.37
N VAL A 108 32.50 -18.23 -18.52
CA VAL A 108 32.25 -16.89 -18.97
C VAL A 108 31.28 -16.96 -20.16
N ALA A 109 30.26 -16.12 -20.16
CA ALA A 109 29.27 -16.14 -21.24
C ALA A 109 29.73 -15.32 -22.42
N THR A 110 29.90 -15.95 -23.56
CA THR A 110 30.22 -15.23 -24.79
C THR A 110 28.97 -14.65 -25.46
N GLN A 111 27.85 -15.37 -25.34
CA GLN A 111 26.56 -14.84 -25.73
C GLN A 111 25.52 -15.25 -24.71
N LEU A 112 24.44 -14.49 -24.64
CA LEU A 112 23.34 -14.85 -23.76
C LEU A 112 22.02 -14.72 -24.47
N VAL A 113 21.05 -15.48 -24.00
CA VAL A 113 19.72 -15.48 -24.58
C VAL A 113 18.65 -15.42 -23.48
N GLN A 114 17.53 -14.79 -23.79
CA GLN A 114 16.37 -14.87 -22.92
C GLN A 114 15.56 -16.07 -23.34
N HIS A 115 15.70 -17.17 -22.62
CA HIS A 115 15.20 -18.46 -23.11
C HIS A 115 13.70 -18.61 -23.05
N ASP A 116 13.04 -17.74 -22.30
CA ASP A 116 11.61 -17.81 -22.06
C ASP A 116 10.80 -16.86 -22.92
N VAL A 117 11.46 -16.16 -23.84
CA VAL A 117 10.77 -15.26 -24.75
C VAL A 117 10.10 -16.07 -25.87
N ASP A 118 8.80 -15.83 -26.07
CA ASP A 118 8.03 -16.56 -27.08
C ASP A 118 7.03 -15.67 -27.82
N LEU A 119 7.45 -15.24 -29.00
CA LEU A 119 6.59 -14.53 -29.95
C LEU A 119 6.34 -15.39 -31.20
N SER A 120 6.32 -16.70 -31.01
CA SER A 120 6.17 -17.65 -32.13
C SER A 120 4.78 -17.53 -32.77
N ALA A 121 3.82 -16.90 -32.10
CA ALA A 121 2.51 -16.65 -32.72
C ALA A 121 2.65 -15.83 -34.01
N PHE A 122 3.71 -15.04 -34.11
CA PHE A 122 3.99 -14.21 -35.27
C PHE A 122 5.18 -14.73 -36.08
N ASP A 123 5.46 -16.02 -35.92
CA ASP A 123 6.54 -16.75 -36.60
C ASP A 123 7.94 -16.29 -36.20
N HIS A 124 8.06 -15.62 -35.05
CA HIS A 124 9.39 -15.27 -34.57
C HIS A 124 10.03 -16.50 -33.93
N PRO A 125 11.34 -16.70 -34.15
CA PRO A 125 12.03 -17.76 -33.44
C PRO A 125 11.98 -17.53 -31.94
N LEU A 126 12.01 -18.60 -31.17
CA LEU A 126 12.05 -18.51 -29.72
C LEU A 126 13.30 -17.72 -29.30
N GLY A 127 13.13 -16.86 -28.30
CA GLY A 127 14.21 -16.00 -27.85
C GLY A 127 14.30 -14.65 -28.55
N PHE A 128 13.64 -14.52 -29.70
CA PHE A 128 13.71 -13.30 -30.49
C PHE A 128 12.62 -12.28 -30.13
N ILE A 129 13.02 -11.02 -30.00
CA ILE A 129 12.11 -9.89 -29.88
C ILE A 129 12.42 -8.89 -30.99
N PRO A 130 11.39 -8.40 -31.69
CA PRO A 130 11.63 -7.37 -32.70
C PRO A 130 12.50 -6.22 -32.20
N GLU A 131 13.36 -5.70 -33.07
CA GLU A 131 14.30 -4.64 -32.74
C GLU A 131 15.41 -5.08 -31.77
N SER A 132 15.56 -6.39 -31.61
CA SER A 132 16.66 -6.96 -30.86
C SER A 132 17.22 -8.20 -31.61
N ALA A 133 17.72 -9.18 -30.87
CA ALA A 133 18.32 -10.38 -31.42
C ALA A 133 18.17 -11.51 -30.42
N ILE A 134 18.23 -12.75 -30.91
CA ILE A 134 18.19 -13.88 -29.98
C ILE A 134 19.39 -13.86 -29.03
N PHE A 135 20.58 -13.71 -29.60
CA PHE A 135 21.81 -13.77 -28.82
C PHE A 135 22.37 -12.37 -28.61
N ILE A 136 22.67 -12.08 -27.35
CA ILE A 136 23.29 -10.85 -26.93
C ILE A 136 24.77 -11.10 -26.65
N GLU A 137 25.65 -10.29 -27.23
CA GLU A 137 27.08 -10.50 -27.07
C GLU A 137 27.61 -9.75 -25.87
N THR A 138 28.64 -10.33 -25.26
CA THR A 138 29.41 -9.67 -24.21
C THR A 138 30.70 -9.14 -24.81
N SER A 139 31.53 -8.50 -23.97
CA SER A 139 32.77 -7.88 -24.42
C SER A 139 33.87 -8.90 -24.76
N GLY A 140 34.28 -8.93 -26.02
CA GLY A 140 35.38 -9.79 -26.43
C GLY A 140 36.67 -9.49 -25.70
N SER A 141 36.96 -8.20 -25.48
CA SER A 141 38.20 -7.86 -24.81
C SER A 141 38.20 -8.31 -23.35
N LEU A 142 37.06 -8.21 -22.67
CA LEU A 142 36.98 -8.70 -21.28
C LEU A 142 37.02 -10.23 -21.24
N ASN A 143 36.37 -10.89 -22.18
CA ASN A 143 36.38 -12.35 -22.22
C ASN A 143 37.79 -12.86 -22.50
N ALA A 144 38.53 -12.15 -23.36
CA ALA A 144 39.91 -12.52 -23.65
C ALA A 144 40.78 -12.34 -22.43
N LEU A 145 40.54 -11.28 -21.68
CA LEU A 145 41.24 -11.06 -20.44
C LEU A 145 40.98 -12.20 -19.43
N ALA A 146 39.71 -12.58 -19.30
CA ALA A 146 39.35 -13.70 -18.43
C ALA A 146 40.10 -14.97 -18.82
N LYS A 147 40.15 -15.26 -20.12
CA LYS A 147 40.84 -16.45 -20.61
C LYS A 147 42.33 -16.40 -20.27
N LYS A 148 42.93 -15.22 -20.45
CA LYS A 148 44.34 -15.05 -20.21
C LYS A 148 44.68 -15.31 -18.76
N ILE A 149 43.92 -14.73 -17.85
CA ILE A 149 44.27 -14.88 -16.45
C ILE A 149 43.91 -16.25 -15.88
N ALA A 150 42.85 -16.87 -16.40
CA ALA A 150 42.55 -18.23 -15.99
C ALA A 150 43.68 -19.18 -16.36
N ASN A 151 44.25 -19.01 -17.55
CA ASN A 151 45.42 -19.80 -17.97
C ASN A 151 46.61 -19.54 -17.04
N GLU A 152 46.86 -18.27 -16.70
CA GLU A 152 47.95 -17.98 -15.73
C GLU A 152 47.72 -18.66 -14.37
N GLN A 153 46.46 -18.66 -13.91
CA GLN A 153 46.08 -19.23 -12.63
C GLN A 153 46.01 -20.75 -12.64
N HIS A 154 46.07 -21.35 -13.83
CA HIS A 154 45.83 -22.79 -14.01
C HIS A 154 44.50 -23.20 -13.45
N ILE A 155 43.47 -22.40 -13.72
CA ILE A 155 42.14 -22.83 -13.40
C ILE A 155 41.34 -22.92 -14.68
N ALA A 156 40.44 -23.89 -14.72
CA ALA A 156 39.60 -24.10 -15.88
C ALA A 156 38.61 -22.94 -16.00
N LEU A 157 38.41 -22.48 -17.22
CA LEU A 157 37.39 -21.48 -17.50
C LEU A 157 36.79 -21.85 -18.83
N LYS A 158 35.51 -22.24 -18.82
CA LYS A 158 34.83 -22.53 -20.06
C LYS A 158 34.21 -21.25 -20.62
N GLU A 159 34.00 -21.21 -21.93
CA GLU A 159 33.28 -20.14 -22.62
CA GLU A 159 33.23 -20.14 -22.55
C GLU A 159 32.04 -20.75 -23.25
N GLY A 160 30.92 -20.06 -23.23
CA GLY A 160 29.73 -20.58 -23.85
C GLY A 160 28.53 -19.71 -23.72
N VAL A 161 27.42 -20.23 -24.22
CA VAL A 161 26.15 -19.50 -24.20
C VAL A 161 25.49 -19.72 -22.86
N ILE A 162 24.98 -18.64 -22.25
CA ILE A 162 24.16 -18.75 -21.04
C ILE A 162 22.74 -18.36 -21.37
N ALA A 163 21.81 -19.18 -20.91
CA ALA A 163 20.36 -18.96 -21.08
C ALA A 163 19.82 -18.36 -19.79
N SER A 164 19.11 -17.24 -19.91
CA SER A 164 18.49 -16.55 -18.78
C SER A 164 16.99 -16.49 -18.93
N GLY A 165 16.27 -16.75 -17.84
CA GLY A 165 14.82 -16.65 -17.85
C GLY A 165 14.30 -16.40 -16.46
N ASP A 166 12.98 -16.23 -16.33
CA ASP A 166 12.40 -15.94 -15.02
C ASP A 166 11.87 -17.19 -14.29
N GLN A 167 12.52 -18.32 -14.56
CA GLN A 167 12.20 -19.57 -13.90
C GLN A 167 13.47 -20.19 -13.36
N PHE A 168 13.38 -20.79 -12.18
CA PHE A 168 14.48 -21.62 -11.69
C PHE A 168 14.28 -22.98 -12.34
N VAL A 169 15.26 -23.41 -13.14
CA VAL A 169 15.14 -24.61 -13.93
C VAL A 169 15.54 -25.83 -13.08
N HIS A 170 14.65 -26.83 -13.03
CA HIS A 170 14.87 -28.02 -12.21
C HIS A 170 14.19 -29.23 -12.83
N SER A 171 14.37 -29.38 -14.14
CA SER A 171 13.79 -30.50 -14.87
C SER A 171 14.64 -30.85 -16.07
N LYS A 172 14.71 -32.15 -16.35
CA LYS A 172 15.44 -32.63 -17.51
C LYS A 172 14.84 -32.11 -18.80
N GLU A 173 13.52 -32.04 -18.86
CA GLU A 173 12.83 -31.59 -20.06
C GLU A 173 13.23 -30.16 -20.44
N ARG A 174 13.29 -29.27 -19.46
CA ARG A 174 13.65 -27.90 -19.76
C ARG A 174 15.13 -27.79 -20.09
N LYS A 175 15.99 -28.57 -19.41
CA LYS A 175 17.41 -28.60 -19.79
C LYS A 175 17.56 -28.99 -21.25
N GLU A 176 16.82 -30.01 -21.67
CA GLU A 176 16.96 -30.49 -23.03
C GLU A 176 16.56 -29.42 -24.05
N PHE A 177 15.50 -28.68 -23.72
CA PHE A 177 15.07 -27.58 -24.56
C PHE A 177 16.17 -26.52 -24.68
N LEU A 178 16.78 -26.14 -23.55
CA LEU A 178 17.81 -25.10 -23.58
C LEU A 178 19.01 -25.51 -24.44
N VAL A 179 19.36 -26.79 -24.39
CA VAL A 179 20.44 -27.31 -25.21
C VAL A 179 20.03 -27.37 -26.69
N SER A 180 18.85 -27.91 -26.96
CA SER A 180 18.42 -28.06 -28.35
C SER A 180 18.14 -26.73 -29.06
N GLU A 181 17.54 -25.78 -28.35
CA GLU A 181 17.12 -24.54 -28.97
C GLU A 181 18.25 -23.53 -29.07
N PHE A 182 19.07 -23.44 -28.02
CA PHE A 182 20.05 -22.36 -27.89
C PHE A 182 21.51 -22.81 -27.75
N LYS A 183 21.73 -24.11 -27.65
CA LYS A 183 23.06 -24.66 -27.37
C LYS A 183 23.69 -24.00 -26.14
N ALA A 184 22.86 -23.77 -25.13
CA ALA A 184 23.33 -23.19 -23.88
C ALA A 184 24.18 -24.17 -23.05
N SER A 185 25.18 -23.63 -22.36
CA SER A 185 26.01 -24.38 -21.41
C SER A 185 25.56 -24.23 -19.96
N ALA A 186 24.88 -23.13 -19.63
CA ALA A 186 24.43 -22.88 -18.28
C ALA A 186 23.16 -22.06 -18.29
N VAL A 187 22.45 -22.09 -17.16
CA VAL A 187 21.17 -21.39 -17.01
C VAL A 187 21.17 -20.55 -15.74
N GLU A 188 20.64 -19.34 -15.85
CA GLU A 188 20.46 -18.48 -14.70
C GLU A 188 19.30 -17.53 -14.97
N MET A 189 19.15 -16.44 -14.19
CA MET A 189 17.95 -15.61 -14.30
C MET A 189 18.23 -14.11 -14.53
N GLU A 190 19.46 -13.75 -14.86
CA GLU A 190 19.84 -12.32 -14.93
C GLU A 190 20.87 -11.96 -15.98
N GLY A 191 21.68 -12.92 -16.41
CA GLY A 191 22.81 -12.56 -17.29
C GLY A 191 22.36 -11.86 -18.56
N ALA A 192 21.35 -12.40 -19.21
CA ALA A 192 20.95 -11.86 -20.50
C ALA A 192 20.42 -10.44 -20.38
N SER A 193 19.71 -10.16 -19.30
CA SER A 193 19.17 -8.83 -19.08
C SER A 193 20.30 -7.83 -18.78
N VAL A 194 21.27 -8.24 -17.96
CA VAL A 194 22.43 -7.39 -17.67
C VAL A 194 23.19 -7.08 -18.96
N ALA A 195 23.50 -8.13 -19.74
CA ALA A 195 24.26 -7.97 -20.97
C ALA A 195 23.48 -7.12 -22.00
N PHE A 196 22.17 -7.30 -22.04
CA PHE A 196 21.31 -6.54 -22.91
C PHE A 196 21.36 -5.05 -22.62
N VAL A 197 21.17 -4.67 -21.35
CA VAL A 197 21.24 -3.26 -20.95
C VAL A 197 22.59 -2.67 -21.34
N CYS A 198 23.64 -3.43 -21.10
CA CYS A 198 24.97 -2.93 -21.40
C CYS A 198 25.10 -2.72 -22.91
N GLN A 199 24.57 -3.64 -23.71
CA GLN A 199 24.58 -3.45 -25.17
C GLN A 199 23.84 -2.17 -25.57
N LYS A 200 22.66 -1.94 -25.00
CA LYS A 200 21.86 -0.75 -25.37
C LYS A 200 22.57 0.57 -25.05
N PHE A 201 23.39 0.58 -24.00
CA PHE A 201 24.11 1.79 -23.61
C PHE A 201 25.56 1.85 -24.12
N GLY A 202 26.00 0.82 -24.83
CA GLY A 202 27.38 0.77 -25.32
C GLY A 202 28.44 0.58 -24.25
N VAL A 203 28.07 -0.13 -23.19
CA VAL A 203 28.93 -0.37 -22.05
C VAL A 203 29.49 -1.80 -22.09
N PRO A 204 30.83 -1.98 -22.09
CA PRO A 204 31.42 -3.32 -22.07
C PRO A 204 30.95 -4.16 -20.87
N CYS A 205 30.61 -5.43 -21.11
CA CYS A 205 30.06 -6.28 -20.08
C CYS A 205 30.74 -7.64 -20.10
N CYS A 206 31.02 -8.19 -18.93
CA CYS A 206 31.43 -9.58 -18.79
C CYS A 206 30.51 -10.24 -17.79
N VAL A 207 30.03 -11.45 -18.13
CA VAL A 207 29.19 -12.23 -17.23
C VAL A 207 29.92 -13.53 -16.86
N LEU A 208 30.23 -13.64 -15.58
CA LEU A 208 30.94 -14.77 -15.02
C LEU A 208 30.00 -15.53 -14.11
N ARG A 209 29.98 -16.86 -14.22
CA ARG A 209 29.21 -17.69 -13.30
C ARG A 209 30.00 -18.89 -12.82
N SER A 210 29.79 -19.28 -11.56
CA SER A 210 30.27 -20.55 -11.02
C SER A 210 29.08 -21.49 -10.82
N ILE A 211 29.25 -22.75 -11.20
CA ILE A 211 28.15 -23.70 -11.14
C ILE A 211 27.74 -24.06 -9.70
N SER A 212 26.44 -23.97 -9.42
CA SER A 212 25.90 -24.35 -8.09
C SER A 212 25.06 -25.61 -8.09
N ASP A 213 24.65 -26.06 -9.27
CA ASP A 213 23.71 -27.16 -9.40
C ASP A 213 23.65 -27.57 -10.86
N ASN A 214 22.92 -28.65 -11.12
CA ASN A 214 22.78 -29.21 -12.45
C ASN A 214 21.40 -28.98 -13.09
N ALA A 215 20.61 -28.06 -12.54
CA ALA A 215 19.36 -27.61 -13.14
C ALA A 215 18.36 -28.75 -13.37
N ASP A 216 18.44 -29.75 -12.49
CA ASP A 216 17.64 -30.96 -12.59
C ASP A 216 16.78 -31.06 -11.36
N GLU A 217 16.25 -32.23 -11.12
CA GLU A 217 15.24 -32.40 -10.08
C GLU A 217 15.85 -32.16 -8.69
N LYS A 218 17.17 -32.36 -8.57
CA LYS A 218 17.91 -32.12 -7.32
C LYS A 218 18.51 -30.71 -7.20
N ALA A 219 18.14 -29.79 -8.10
CA ALA A 219 18.81 -28.50 -8.17
C ALA A 219 18.63 -27.64 -6.94
N GLY A 220 17.45 -27.67 -6.34
CA GLY A 220 17.18 -26.82 -5.19
C GLY A 220 18.10 -27.16 -4.04
N MET A 221 18.28 -28.45 -3.82
CA MET A 221 19.12 -28.93 -2.72
C MET A 221 20.59 -28.62 -2.98
N SER A 222 21.04 -28.87 -4.20
CA SER A 222 22.41 -28.56 -4.59
C SER A 222 22.68 -27.09 -4.47
N PHE A 223 21.75 -26.27 -4.97
CA PHE A 223 21.89 -24.82 -4.85
C PHE A 223 22.13 -24.36 -3.41
N ASP A 224 21.31 -24.83 -2.48
CA ASP A 224 21.46 -24.38 -1.09
C ASP A 224 22.78 -24.88 -0.50
N GLU A 225 23.22 -26.06 -0.91
CA GLU A 225 24.48 -26.60 -0.41
C GLU A 225 25.70 -25.77 -0.88
N PHE A 226 25.69 -25.39 -2.15
CA PHE A 226 26.90 -24.87 -2.80
C PHE A 226 26.90 -23.37 -3.11
N LEU A 227 25.80 -22.69 -2.81
CA LEU A 227 25.69 -21.25 -3.08
C LEU A 227 26.90 -20.50 -2.54
N GLU A 228 27.22 -20.71 -1.26
CA GLU A 228 28.32 -19.96 -0.62
C GLU A 228 29.66 -20.17 -1.33
N LYS A 229 30.04 -21.42 -1.59
CA LYS A 229 31.35 -21.69 -2.16
C LYS A 229 31.41 -21.22 -3.62
N SER A 230 30.36 -21.53 -4.39
CA SER A 230 30.31 -21.16 -5.81
C SER A 230 30.33 -19.65 -5.97
N ALA A 231 29.57 -18.93 -5.14
CA ALA A 231 29.60 -17.48 -5.12
C ALA A 231 30.99 -16.93 -4.82
N HIS A 232 31.68 -17.53 -3.85
CA HIS A 232 33.03 -17.11 -3.53
C HIS A 232 34.01 -17.35 -4.70
N THR A 233 33.90 -18.50 -5.34
CA THR A 233 34.73 -18.82 -6.49
C THR A 233 34.58 -17.79 -7.62
N SER A 234 33.34 -17.45 -7.94
CA SER A 234 33.10 -16.44 -8.95
C SER A 234 33.66 -15.10 -8.51
N ALA A 235 33.38 -14.72 -7.27
CA ALA A 235 33.79 -13.44 -6.74
C ALA A 235 35.32 -13.30 -6.77
N LYS A 236 36.01 -14.39 -6.40
CA LYS A 236 37.48 -14.37 -6.39
C LYS A 236 38.01 -14.14 -7.80
N PHE A 237 37.41 -14.80 -8.78
CA PHE A 237 37.86 -14.63 -10.15
C PHE A 237 37.56 -13.22 -10.64
N LEU A 238 36.38 -12.67 -10.32
CA LEU A 238 36.04 -11.31 -10.71
C LEU A 238 37.08 -10.34 -10.16
N LYS A 239 37.46 -10.52 -8.89
CA LYS A 239 38.49 -9.64 -8.31
C LYS A 239 39.78 -9.72 -9.12
N SER A 240 40.16 -10.92 -9.55
CA SER A 240 41.39 -11.09 -10.31
C SER A 240 41.31 -10.40 -11.65
N MET A 241 40.11 -10.28 -12.22
CA MET A 241 39.94 -9.50 -13.44
C MET A 241 40.10 -8.00 -13.17
N VAL A 242 39.46 -7.51 -12.12
CA VAL A 242 39.58 -6.09 -11.79
C VAL A 242 41.05 -5.72 -11.53
N ASP A 243 41.82 -6.64 -10.96
CA ASP A 243 43.26 -6.40 -10.78
C ASP A 243 44.04 -6.11 -12.06
N GLU A 244 43.51 -6.52 -13.20
CA GLU A 244 44.17 -6.30 -14.50
C GLU A 244 43.66 -5.06 -15.25
N LEU A 245 42.60 -4.43 -14.77
CA LEU A 245 42.00 -3.30 -15.48
C LEU A 245 42.78 -2.02 -15.23
N VAL B 16 6.26 22.96 -14.89
CA VAL B 16 7.14 22.24 -13.93
C VAL B 16 6.76 20.76 -13.82
N GLN B 17 5.47 20.44 -13.92
CA GLN B 17 5.05 19.03 -13.83
C GLN B 17 5.58 18.25 -15.03
N LYS B 18 6.29 17.16 -14.76
CA LYS B 18 6.86 16.33 -15.81
C LYS B 18 6.23 14.94 -15.80
N ILE B 19 5.64 14.56 -16.93
CA ILE B 19 4.85 13.34 -17.03
C ILE B 19 5.47 12.45 -18.09
N GLY B 20 5.82 11.22 -17.72
CA GLY B 20 6.34 10.21 -18.65
C GLY B 20 5.17 9.45 -19.23
N ILE B 21 5.18 9.25 -20.54
CA ILE B 21 4.11 8.55 -21.25
C ILE B 21 4.76 7.44 -22.08
N LEU B 22 4.34 6.21 -21.85
CA LEU B 22 4.97 5.03 -22.44
C LEU B 22 3.97 4.17 -23.21
N GLY B 23 4.45 3.62 -24.32
CA GLY B 23 3.86 2.46 -24.95
C GLY B 23 4.98 1.45 -25.14
N ALA B 24 4.61 0.25 -25.60
CA ALA B 24 5.61 -0.80 -25.86
C ALA B 24 6.05 -0.74 -27.31
N MET B 25 5.09 -0.59 -28.22
CA MET B 25 5.37 -0.61 -29.66
C MET B 25 5.27 0.80 -30.21
N ARG B 26 5.97 1.06 -31.33
CA ARG B 26 5.86 2.38 -31.96
C ARG B 26 4.42 2.70 -32.28
N GLU B 27 3.67 1.69 -32.72
CA GLU B 27 2.27 1.88 -33.06
C GLU B 27 1.40 2.35 -31.90
N GLU B 28 1.83 2.05 -30.68
CA GLU B 28 1.09 2.49 -29.51
C GLU B 28 1.34 3.96 -29.22
N ILE B 29 2.49 4.50 -29.61
CA ILE B 29 2.74 5.93 -29.35
C ILE B 29 2.39 6.84 -30.53
N THR B 30 2.23 6.27 -31.73
CA THR B 30 1.83 7.09 -32.89
C THR B 30 0.59 7.96 -32.59
N PRO B 31 -0.49 7.36 -32.10
CA PRO B 31 -1.64 8.22 -31.78
C PRO B 31 -1.43 9.17 -30.61
N ILE B 32 -0.53 8.83 -29.68
CA ILE B 32 -0.20 9.73 -28.58
C ILE B 32 0.46 10.99 -29.13
N LEU B 33 1.49 10.81 -29.96
CA LEU B 33 2.15 11.98 -30.53
C LEU B 33 1.19 12.82 -31.34
N GLU B 34 0.33 12.16 -32.12
CA GLU B 34 -0.61 12.88 -32.98
C GLU B 34 -1.63 13.65 -32.15
N LEU B 35 -2.21 12.98 -31.16
CA LEU B 35 -3.33 13.58 -30.40
C LEU B 35 -2.87 14.77 -29.58
N PHE B 36 -1.68 14.70 -28.99
CA PHE B 36 -1.18 15.83 -28.22
C PHE B 36 -0.88 17.02 -29.14
N GLY B 37 -0.45 16.72 -30.35
CA GLY B 37 -0.36 17.71 -31.42
C GLY B 37 0.82 18.67 -31.37
N VAL B 38 1.58 18.65 -30.29
CA VAL B 38 2.62 19.66 -30.06
C VAL B 38 3.95 19.26 -30.72
N ASP B 39 4.87 20.22 -30.82
CA ASP B 39 6.22 19.92 -31.30
C ASP B 39 6.96 19.13 -30.24
N PHE B 40 7.73 18.14 -30.66
CA PHE B 40 8.56 17.35 -29.77
C PHE B 40 10.01 17.43 -30.18
N GLU B 41 10.88 17.49 -29.18
CA GLU B 41 12.32 17.31 -29.36
C GLU B 41 12.63 15.83 -29.21
N GLU B 42 13.42 15.27 -30.12
CA GLU B 42 13.79 13.86 -30.04
C GLU B 42 15.15 13.68 -29.39
N ILE B 43 15.18 12.89 -28.30
CA ILE B 43 16.40 12.68 -27.53
C ILE B 43 16.69 11.19 -27.44
N PRO B 44 17.81 10.73 -28.03
CA PRO B 44 18.14 9.31 -27.96
C PRO B 44 18.89 8.95 -26.70
N LEU B 45 18.54 7.81 -26.11
CA LEU B 45 19.21 7.34 -24.90
C LEU B 45 18.92 5.87 -24.71
N GLY B 46 19.97 5.07 -24.57
CA GLY B 46 19.85 3.65 -24.26
C GLY B 46 19.05 2.85 -25.26
N GLY B 47 19.13 3.22 -26.53
CA GLY B 47 18.39 2.53 -27.58
C GLY B 47 16.93 2.93 -27.72
N ASN B 48 16.50 3.93 -26.94
CA ASN B 48 15.17 4.49 -27.07
C ASN B 48 15.25 5.93 -27.59
N VAL B 49 14.15 6.39 -28.16
CA VAL B 49 14.00 7.80 -28.53
C VAL B 49 12.91 8.41 -27.66
N PHE B 50 13.28 9.47 -26.96
CA PHE B 50 12.36 10.15 -26.06
C PHE B 50 11.89 11.41 -26.74
N HIS B 51 10.57 11.58 -26.83
CA HIS B 51 9.96 12.73 -27.47
C HIS B 51 9.52 13.69 -26.38
N LYS B 52 10.20 14.84 -26.28
CA LYS B 52 9.96 15.77 -25.20
C LYS B 52 9.25 17.00 -25.74
N GLY B 53 8.12 17.34 -25.13
CA GLY B 53 7.30 18.47 -25.57
C GLY B 53 6.63 19.15 -24.39
N VAL B 54 5.95 20.26 -24.69
CA VAL B 54 5.18 21.01 -23.71
C VAL B 54 3.72 20.95 -24.10
N TYR B 55 2.87 20.57 -23.16
CA TYR B 55 1.45 20.47 -23.39
C TYR B 55 0.74 21.08 -22.19
N HIS B 56 -0.10 22.09 -22.44
CA HIS B 56 -0.87 22.72 -21.35
C HIS B 56 0.01 23.09 -20.15
N ASN B 57 1.19 23.66 -20.41
CA ASN B 57 2.13 24.03 -19.35
C ASN B 57 2.74 22.84 -18.57
N LYS B 58 2.46 21.61 -18.98
CA LYS B 58 3.14 20.43 -18.44
C LYS B 58 4.20 19.98 -19.43
N GLU B 59 5.26 19.35 -18.93
CA GLU B 59 6.26 18.76 -19.81
C GLU B 59 5.93 17.28 -19.96
N ILE B 60 5.79 16.83 -21.21
CA ILE B 60 5.49 15.42 -21.50
C ILE B 60 6.66 14.76 -22.20
N ILE B 61 7.01 13.55 -21.76
CA ILE B 61 8.12 12.81 -22.33
C ILE B 61 7.54 11.49 -22.81
N VAL B 62 7.48 11.31 -24.13
CA VAL B 62 6.83 10.15 -24.73
C VAL B 62 7.87 9.21 -25.34
N ALA B 63 7.73 7.91 -25.08
CA ALA B 63 8.58 6.92 -25.73
C ALA B 63 7.88 5.59 -25.87
N TYR B 64 8.30 4.82 -26.86
CA TYR B 64 7.98 3.37 -26.89
C TYR B 64 9.21 2.58 -26.45
N SER B 65 8.99 1.58 -25.60
CA SER B 65 10.09 0.84 -24.98
C SER B 65 10.71 -0.22 -25.89
N LYS B 66 9.90 -0.73 -26.82
CA LYS B 66 10.09 -2.01 -27.50
C LYS B 66 9.48 -3.12 -26.62
N ILE B 67 9.26 -4.29 -27.23
CA ILE B 67 8.42 -5.30 -26.63
C ILE B 67 9.04 -6.03 -25.43
N GLY B 68 8.24 -6.29 -24.40
CA GLY B 68 8.63 -7.23 -23.38
C GLY B 68 9.17 -6.62 -22.09
N LYS B 69 9.50 -7.48 -21.14
CA LYS B 69 9.76 -7.06 -19.77
C LYS B 69 11.09 -6.34 -19.63
N VAL B 70 12.13 -6.85 -20.28
CA VAL B 70 13.44 -6.20 -20.22
C VAL B 70 13.42 -4.80 -20.89
N HIS B 71 12.94 -4.73 -22.11
CA HIS B 71 12.81 -3.44 -22.79
C HIS B 71 12.06 -2.44 -21.91
N SER B 72 10.90 -2.83 -21.39
CA SER B 72 10.03 -1.88 -20.69
C SER B 72 10.66 -1.45 -19.37
N THR B 73 11.39 -2.35 -18.72
CA THR B 73 12.04 -2.02 -17.45
C THR B 73 13.12 -0.99 -17.71
N LEU B 74 13.90 -1.22 -18.75
CA LEU B 74 14.98 -0.30 -19.13
C LEU B 74 14.44 1.10 -19.38
N THR B 75 13.45 1.19 -20.23
CA THR B 75 12.91 2.47 -20.64
C THR B 75 12.25 3.24 -19.50
N THR B 76 11.53 2.51 -18.64
CA THR B 76 10.89 3.17 -17.51
C THR B 76 11.97 3.72 -16.55
N THR B 77 13.05 2.96 -16.35
CA THR B 77 14.12 3.41 -15.47
C THR B 77 14.81 4.63 -16.09
N SER B 78 15.00 4.63 -17.41
CA SER B 78 15.59 5.80 -18.08
C SER B 78 14.68 7.00 -17.94
N MET B 79 13.39 6.81 -18.14
CA MET B 79 12.45 7.91 -17.99
C MET B 79 12.57 8.58 -16.64
N ILE B 80 12.67 7.78 -15.60
CA ILE B 80 12.73 8.29 -14.24
C ILE B 80 14.06 8.95 -13.92
N LEU B 81 15.16 8.27 -14.24
CA LEU B 81 16.50 8.76 -13.88
C LEU B 81 16.99 9.86 -14.77
N ALA B 82 16.80 9.73 -16.08
CA ALA B 82 17.36 10.70 -17.02
C ALA B 82 16.44 11.89 -17.26
N PHE B 83 15.13 11.68 -17.18
CA PHE B 83 14.19 12.77 -17.50
C PHE B 83 13.42 13.30 -16.29
N GLY B 84 13.63 12.68 -15.12
CA GLY B 84 13.04 13.15 -13.87
C GLY B 84 11.54 13.23 -13.81
N VAL B 85 10.84 12.30 -14.48
CA VAL B 85 9.39 12.37 -14.49
C VAL B 85 8.82 12.10 -13.10
N GLN B 86 7.70 12.75 -12.81
CA GLN B 86 7.03 12.66 -11.51
C GLN B 86 5.88 11.67 -11.53
N LYS B 87 5.36 11.37 -12.72
CA LYS B 87 4.29 10.38 -12.92
C LYS B 87 4.59 9.62 -14.20
N VAL B 88 4.13 8.36 -14.29
CA VAL B 88 4.26 7.58 -15.53
C VAL B 88 2.89 7.03 -15.92
N LEU B 89 2.50 7.27 -17.15
CA LEU B 89 1.23 6.76 -17.67
C LEU B 89 1.56 5.85 -18.85
N PHE B 90 1.09 4.61 -18.81
CA PHE B 90 1.33 3.66 -19.88
C PHE B 90 0.05 3.49 -20.70
N SER B 91 0.18 3.48 -22.02
CA SER B 91 -0.98 3.33 -22.90
C SER B 91 -0.63 2.33 -23.98
N GLY B 92 -1.51 1.37 -24.22
CA GLY B 92 -1.29 0.41 -25.31
C GLY B 92 -2.41 -0.58 -25.40
N VAL B 93 -2.14 -1.73 -26.00
CA VAL B 93 -3.15 -2.75 -26.24
C VAL B 93 -2.89 -4.01 -25.42
N ALA B 94 -3.89 -4.88 -25.34
CA ALA B 94 -3.79 -6.09 -24.52
C ALA B 94 -4.75 -7.16 -24.99
N GLY B 95 -4.47 -8.39 -24.59
CA GLY B 95 -5.36 -9.51 -24.87
C GLY B 95 -6.36 -9.66 -23.73
N SER B 96 -7.63 -9.84 -24.07
CA SER B 96 -8.67 -10.05 -23.05
C SER B 96 -8.70 -11.49 -22.54
N LEU B 97 -8.85 -11.63 -21.22
CA LEU B 97 -9.02 -12.93 -20.57
C LEU B 97 -10.43 -13.17 -20.06
N VAL B 98 -11.30 -12.18 -20.19
CA VAL B 98 -12.65 -12.28 -19.63
C VAL B 98 -13.69 -11.87 -20.67
N LYS B 99 -14.84 -12.55 -20.62
CA LYS B 99 -15.89 -12.37 -21.62
C LYS B 99 -16.39 -10.94 -21.73
N ASP B 100 -16.43 -10.22 -20.61
CA ASP B 100 -16.95 -8.85 -20.59
C ASP B 100 -15.97 -7.78 -21.10
N LEU B 101 -14.71 -8.16 -21.36
CA LEU B 101 -13.76 -7.26 -22.01
C LEU B 101 -13.65 -7.67 -23.46
N LYS B 102 -14.28 -6.87 -24.33
CA LYS B 102 -14.33 -7.16 -25.75
C LYS B 102 -13.34 -6.27 -26.48
N ILE B 103 -13.13 -6.57 -27.77
CA ILE B 103 -12.25 -5.75 -28.61
C ILE B 103 -12.59 -4.27 -28.45
N ASN B 104 -11.53 -3.47 -28.25
CA ASN B 104 -11.58 -2.01 -28.07
C ASN B 104 -11.91 -1.53 -26.66
N ASP B 105 -12.40 -2.41 -25.80
CA ASP B 105 -12.72 -2.02 -24.41
C ASP B 105 -11.46 -1.62 -23.64
N LEU B 106 -11.65 -0.66 -22.73
CA LEU B 106 -10.57 -0.13 -21.91
C LEU B 106 -10.52 -0.75 -20.52
N LEU B 107 -9.31 -0.93 -20.02
CA LEU B 107 -9.05 -1.47 -18.70
C LEU B 107 -7.96 -0.65 -18.08
N VAL B 108 -8.12 -0.33 -16.80
CA VAL B 108 -7.07 0.24 -16.00
C VAL B 108 -6.60 -0.84 -15.01
N ALA B 109 -5.28 -1.05 -14.92
CA ALA B 109 -4.75 -2.11 -14.07
C ALA B 109 -4.62 -1.63 -12.64
N THR B 110 -5.38 -2.23 -11.72
CA THR B 110 -5.22 -1.88 -10.30
C THR B 110 -4.05 -2.63 -9.67
N GLN B 111 -3.78 -3.84 -10.15
CA GLN B 111 -2.58 -4.57 -9.79
C GLN B 111 -2.08 -5.30 -11.00
N LEU B 112 -0.79 -5.61 -11.00
CA LEU B 112 -0.18 -6.36 -12.09
C LEU B 112 0.72 -7.43 -11.55
N VAL B 113 0.89 -8.48 -12.34
CA VAL B 113 1.68 -9.64 -11.96
C VAL B 113 2.60 -10.04 -13.11
N GLN B 114 3.78 -10.56 -12.79
CA GLN B 114 4.62 -11.22 -13.79
C GLN B 114 4.27 -12.70 -13.82
N HIS B 115 3.45 -13.07 -14.79
CA HIS B 115 2.80 -14.38 -14.77
C HIS B 115 3.72 -15.54 -15.10
N ASP B 116 4.89 -15.23 -15.65
CA ASP B 116 5.83 -16.27 -16.09
C ASP B 116 6.94 -16.54 -15.08
N VAL B 117 6.87 -15.91 -13.92
CA VAL B 117 7.88 -16.07 -12.88
C VAL B 117 7.58 -17.38 -12.13
N ASP B 118 8.60 -18.24 -12.00
CA ASP B 118 8.44 -19.53 -11.37
C ASP B 118 9.66 -19.89 -10.53
N LEU B 119 9.56 -19.66 -9.22
CA LEU B 119 10.54 -20.10 -8.24
C LEU B 119 9.91 -21.17 -7.34
N SER B 120 9.01 -21.96 -7.92
CA SER B 120 8.29 -23.00 -7.18
C SER B 120 9.23 -24.09 -6.68
N ALA B 121 10.41 -24.24 -7.27
CA ALA B 121 11.42 -25.18 -6.75
C ALA B 121 11.77 -24.91 -5.29
N PHE B 122 11.55 -23.68 -4.84
CA PHE B 122 11.82 -23.30 -3.46
C PHE B 122 10.54 -23.00 -2.70
N ASP B 123 9.44 -23.60 -3.16
CA ASP B 123 8.10 -23.47 -2.58
C ASP B 123 7.47 -22.08 -2.65
N HIS B 124 7.97 -21.22 -3.53
CA HIS B 124 7.35 -19.93 -3.69
C HIS B 124 6.13 -20.08 -4.59
N PRO B 125 5.07 -19.32 -4.30
CA PRO B 125 3.96 -19.28 -5.25
C PRO B 125 4.40 -18.69 -6.58
N LEU B 126 3.74 -19.12 -7.64
CA LEU B 126 4.01 -18.60 -8.97
C LEU B 126 3.79 -17.09 -8.98
N GLY B 127 4.64 -16.38 -9.73
CA GLY B 127 4.64 -14.92 -9.73
C GLY B 127 5.47 -14.23 -8.66
N PHE B 128 5.86 -14.95 -7.60
CA PHE B 128 6.57 -14.35 -6.48
C PHE B 128 8.08 -14.38 -6.64
N ILE B 129 8.72 -13.25 -6.35
CA ILE B 129 10.18 -13.18 -6.26
C ILE B 129 10.53 -12.64 -4.87
N PRO B 130 11.50 -13.29 -4.19
CA PRO B 130 11.97 -12.74 -2.91
C PRO B 130 12.29 -11.24 -2.97
N GLU B 131 11.95 -10.53 -1.88
CA GLU B 131 12.13 -9.08 -1.75
C GLU B 131 11.19 -8.29 -2.67
N SER B 132 10.17 -8.97 -3.19
CA SER B 132 9.09 -8.36 -3.97
C SER B 132 7.73 -8.93 -3.52
N ALA B 133 6.74 -8.93 -4.42
CA ALA B 133 5.40 -9.44 -4.16
C ALA B 133 4.84 -9.98 -5.46
N ILE B 134 3.88 -10.88 -5.39
CA ILE B 134 3.18 -11.33 -6.60
C ILE B 134 2.52 -10.15 -7.31
N PHE B 135 1.78 -9.33 -6.56
CA PHE B 135 1.01 -8.25 -7.14
C PHE B 135 1.63 -6.90 -6.87
N ILE B 136 1.78 -6.13 -7.94
CA ILE B 136 2.37 -4.79 -7.89
C ILE B 136 1.22 -3.80 -8.02
N GLU B 137 1.15 -2.84 -7.10
CA GLU B 137 0.08 -1.82 -7.11
C GLU B 137 0.40 -0.66 -8.02
N THR B 138 -0.62 -0.12 -8.68
CA THR B 138 -0.52 1.17 -9.35
C THR B 138 -1.13 2.26 -8.47
N SER B 139 -1.14 3.49 -8.97
CA SER B 139 -1.55 4.65 -8.18
C SER B 139 -3.05 4.71 -7.99
N GLY B 140 -3.50 4.67 -6.73
CA GLY B 140 -4.93 4.80 -6.44
C GLY B 140 -5.50 6.13 -6.86
N SER B 141 -4.76 7.21 -6.68
CA SER B 141 -5.23 8.52 -7.02
C SER B 141 -5.37 8.66 -8.54
N LEU B 142 -4.44 8.09 -9.32
CA LEU B 142 -4.56 8.10 -10.78
C LEU B 142 -5.67 7.17 -11.27
N ASN B 143 -5.81 6.01 -10.65
CA ASN B 143 -6.91 5.10 -11.01
C ASN B 143 -8.27 5.71 -10.70
N ALA B 144 -8.37 6.45 -9.59
CA ALA B 144 -9.60 7.18 -9.24
C ALA B 144 -9.90 8.24 -10.27
N LEU B 145 -8.86 8.94 -10.74
CA LEU B 145 -9.04 9.95 -11.79
C LEU B 145 -9.58 9.31 -13.06
N ALA B 146 -9.01 8.16 -13.44
CA ALA B 146 -9.45 7.46 -14.64
C ALA B 146 -10.92 7.08 -14.54
N LYS B 147 -11.30 6.53 -13.40
CA LYS B 147 -12.68 6.14 -13.17
C LYS B 147 -13.63 7.32 -13.27
N LYS B 148 -13.23 8.44 -12.69
CA LYS B 148 -14.04 9.66 -12.68
C LYS B 148 -14.28 10.15 -14.09
N ILE B 149 -13.19 10.29 -14.86
CA ILE B 149 -13.30 10.75 -16.26
C ILE B 149 -14.13 9.78 -17.11
N ALA B 150 -13.91 8.47 -16.95
CA ALA B 150 -14.64 7.48 -17.72
C ALA B 150 -16.12 7.63 -17.47
N ASN B 151 -16.49 7.82 -16.20
CA ASN B 151 -17.91 7.97 -15.85
C ASN B 151 -18.50 9.23 -16.49
N GLU B 152 -17.74 10.32 -16.46
CA GLU B 152 -18.16 11.56 -17.12
C GLU B 152 -18.29 11.45 -18.62
N GLN B 153 -17.38 10.71 -19.27
CA GLN B 153 -17.36 10.47 -20.72
CA GLN B 153 -17.49 10.60 -20.73
C GLN B 153 -18.38 9.44 -21.17
N HIS B 154 -19.01 8.75 -20.22
CA HIS B 154 -19.89 7.62 -20.54
C HIS B 154 -19.16 6.57 -21.36
N ILE B 155 -17.93 6.28 -20.97
CA ILE B 155 -17.20 5.17 -21.57
C ILE B 155 -16.95 4.13 -20.49
N ALA B 156 -17.10 2.87 -20.88
CA ALA B 156 -16.87 1.76 -19.99
C ALA B 156 -15.38 1.68 -19.70
N LEU B 157 -15.06 1.57 -18.42
CA LEU B 157 -13.69 1.38 -18.00
C LEU B 157 -13.70 0.30 -16.93
N LYS B 158 -13.10 -0.85 -17.21
CA LYS B 158 -12.98 -1.89 -16.21
C LYS B 158 -11.73 -1.68 -15.39
N GLU B 159 -11.78 -2.07 -14.13
CA GLU B 159 -10.63 -2.11 -13.25
C GLU B 159 -10.28 -3.56 -13.02
N GLY B 160 -9.02 -3.94 -13.16
CA GLY B 160 -8.69 -5.31 -12.86
C GLY B 160 -7.21 -5.55 -12.81
N VAL B 161 -6.88 -6.84 -12.69
CA VAL B 161 -5.51 -7.31 -12.65
C VAL B 161 -5.05 -7.54 -14.08
N ILE B 162 -3.84 -7.09 -14.39
CA ILE B 162 -3.20 -7.39 -15.68
C ILE B 162 -2.02 -8.31 -15.41
N ALA B 163 -1.92 -9.36 -16.20
CA ALA B 163 -0.81 -10.28 -16.16
C ALA B 163 0.15 -9.93 -17.27
N SER B 164 1.44 -9.84 -16.92
CA SER B 164 2.49 -9.51 -17.88
C SER B 164 3.54 -10.60 -17.93
N GLY B 165 3.97 -10.95 -19.13
CA GLY B 165 5.01 -11.98 -19.27
C GLY B 165 5.71 -11.82 -20.60
N ASP B 166 6.76 -12.62 -20.81
CA ASP B 166 7.52 -12.49 -22.06
C ASP B 166 7.08 -13.45 -23.17
N GLN B 167 5.80 -13.78 -23.18
CA GLN B 167 5.18 -14.59 -24.23
C GLN B 167 3.90 -13.92 -24.73
N PHE B 168 3.67 -14.00 -26.03
CA PHE B 168 2.40 -13.60 -26.58
C PHE B 168 1.46 -14.78 -26.37
N VAL B 169 0.37 -14.55 -25.65
CA VAL B 169 -0.53 -15.64 -25.24
C VAL B 169 -1.58 -15.84 -26.33
N HIS B 170 -1.72 -17.09 -26.78
CA HIS B 170 -2.60 -17.40 -27.89
C HIS B 170 -3.09 -18.84 -27.76
N SER B 171 -3.50 -19.18 -26.55
CA SER B 171 -4.03 -20.52 -26.27
C SER B 171 -5.03 -20.50 -25.12
N LYS B 172 -6.07 -21.32 -25.24
CA LYS B 172 -7.06 -21.45 -24.18
C LYS B 172 -6.41 -21.89 -22.88
N GLU B 173 -5.46 -22.82 -22.97
CA GLU B 173 -4.84 -23.38 -21.77
C GLU B 173 -4.14 -22.29 -20.98
N ARG B 174 -3.39 -21.42 -21.67
CA ARG B 174 -2.64 -20.41 -20.93
C ARG B 174 -3.57 -19.32 -20.41
N LYS B 175 -4.59 -18.95 -21.20
CA LYS B 175 -5.61 -18.01 -20.72
C LYS B 175 -6.21 -18.48 -19.40
N GLU B 176 -6.59 -19.74 -19.36
CA GLU B 176 -7.26 -20.28 -18.21
C GLU B 176 -6.34 -20.35 -16.99
N PHE B 177 -5.07 -20.59 -17.22
CA PHE B 177 -4.10 -20.47 -16.14
C PHE B 177 -4.02 -19.06 -15.55
N LEU B 178 -4.02 -18.04 -16.41
CA LEU B 178 -3.88 -16.68 -15.92
C LEU B 178 -5.09 -16.29 -15.07
N VAL B 179 -6.27 -16.74 -15.47
CA VAL B 179 -7.49 -16.49 -14.72
C VAL B 179 -7.47 -17.28 -13.41
N SER B 180 -7.10 -18.55 -13.47
CA SER B 180 -7.17 -19.39 -12.26
C SER B 180 -6.08 -19.02 -11.25
N GLU B 181 -4.87 -18.74 -11.74
CA GLU B 181 -3.76 -18.44 -10.86
C GLU B 181 -3.78 -17.04 -10.29
N PHE B 182 -4.11 -16.07 -11.12
CA PHE B 182 -3.97 -14.67 -10.75
C PHE B 182 -5.26 -13.83 -10.81
N LYS B 183 -6.39 -14.42 -11.21
CA LYS B 183 -7.63 -13.69 -11.46
C LYS B 183 -7.41 -12.47 -12.37
N ALA B 184 -6.55 -12.66 -13.37
CA ALA B 184 -6.25 -11.58 -14.29
C ALA B 184 -7.42 -11.37 -15.27
N SER B 185 -7.57 -10.13 -15.70
CA SER B 185 -8.57 -9.74 -16.69
C SER B 185 -7.98 -9.56 -18.09
N ALA B 186 -6.69 -9.22 -18.18
CA ALA B 186 -6.05 -9.02 -19.46
C ALA B 186 -4.59 -9.41 -19.37
N VAL B 187 -3.98 -9.60 -20.54
CA VAL B 187 -2.60 -10.07 -20.64
C VAL B 187 -1.82 -9.20 -21.62
N GLU B 188 -0.61 -8.86 -21.24
CA GLU B 188 0.30 -8.14 -22.12
C GLU B 188 1.74 -8.46 -21.71
N MET B 189 2.71 -7.66 -22.12
CA MET B 189 4.11 -8.06 -21.94
C MET B 189 4.97 -7.00 -21.28
N GLU B 190 4.35 -5.97 -20.69
CA GLU B 190 5.10 -4.82 -20.18
C GLU B 190 4.57 -4.16 -18.92
N GLY B 191 3.29 -4.33 -18.63
CA GLY B 191 2.68 -3.50 -17.60
C GLY B 191 3.32 -3.74 -16.25
N ALA B 192 3.49 -5.00 -15.90
CA ALA B 192 4.00 -5.34 -14.57
C ALA B 192 5.39 -4.75 -14.38
N SER B 193 6.22 -4.79 -15.42
CA SER B 193 7.57 -4.27 -15.28
C SER B 193 7.57 -2.74 -15.15
N VAL B 194 6.71 -2.04 -15.90
CA VAL B 194 6.62 -0.58 -15.78
C VAL B 194 6.15 -0.20 -14.37
N ALA B 195 5.09 -0.85 -13.91
CA ALA B 195 4.53 -0.58 -12.59
C ALA B 195 5.57 -0.92 -11.50
N PHE B 196 6.33 -1.99 -11.71
CA PHE B 196 7.34 -2.38 -10.77
C PHE B 196 8.44 -1.33 -10.61
N VAL B 197 8.99 -0.89 -11.73
CA VAL B 197 10.01 0.15 -11.67
C VAL B 197 9.47 1.40 -10.98
N CYS B 198 8.26 1.80 -11.34
CA CYS B 198 7.67 2.99 -10.69
C CYS B 198 7.56 2.81 -9.17
N GLN B 199 7.12 1.63 -8.73
CA GLN B 199 7.09 1.31 -7.28
C GLN B 199 8.47 1.45 -6.65
N LYS B 200 9.51 0.95 -7.32
CA LYS B 200 10.85 0.98 -6.72
C LYS B 200 11.37 2.41 -6.53
N PHE B 201 10.96 3.32 -7.43
CA PHE B 201 11.41 4.70 -7.37
C PHE B 201 10.39 5.64 -6.72
N GLY B 202 9.26 5.11 -6.28
CA GLY B 202 8.24 5.93 -5.62
C GLY B 202 7.57 6.90 -6.58
N VAL B 203 7.38 6.48 -7.83
CA VAL B 203 6.77 7.30 -8.87
C VAL B 203 5.35 6.79 -9.15
N PRO B 204 4.34 7.67 -9.02
CA PRO B 204 2.97 7.27 -9.36
C PRO B 204 2.85 6.73 -10.77
N CYS B 205 2.12 5.63 -10.94
CA CYS B 205 1.98 4.94 -12.20
C CYS B 205 0.52 4.58 -12.49
N CYS B 206 0.10 4.74 -13.73
CA CYS B 206 -1.19 4.25 -14.18
C CYS B 206 -0.96 3.47 -15.47
N VAL B 207 -1.55 2.28 -15.57
CA VAL B 207 -1.43 1.44 -16.76
C VAL B 207 -2.82 1.28 -17.38
N LEU B 208 -2.96 1.78 -18.61
CA LEU B 208 -4.19 1.69 -19.39
C LEU B 208 -3.95 0.80 -20.59
N ARG B 209 -4.92 -0.06 -20.89
CA ARG B 209 -4.85 -0.90 -22.09
C ARG B 209 -6.21 -0.93 -22.75
N SER B 210 -6.19 -0.99 -24.08
CA SER B 210 -7.38 -1.31 -24.88
C SER B 210 -7.23 -2.68 -25.52
N ILE B 211 -8.31 -3.44 -25.50
CA ILE B 211 -8.27 -4.82 -25.97
C ILE B 211 -8.08 -4.92 -27.49
N SER B 212 -7.10 -5.73 -27.91
CA SER B 212 -6.82 -5.99 -29.34
C SER B 212 -7.18 -7.40 -29.82
N ASP B 213 -7.39 -8.31 -28.87
CA ASP B 213 -7.58 -9.73 -29.17
C ASP B 213 -8.02 -10.46 -27.91
N ASN B 214 -8.36 -11.75 -28.06
CA ASN B 214 -8.85 -12.56 -26.96
C ASN B 214 -7.85 -13.60 -26.47
N ALA B 215 -6.57 -13.42 -26.80
CA ALA B 215 -5.48 -14.21 -26.22
C ALA B 215 -5.64 -15.72 -26.46
N ASP B 216 -6.30 -16.03 -27.57
CA ASP B 216 -6.63 -17.39 -27.95
C ASP B 216 -5.96 -17.72 -29.27
N GLU B 217 -6.35 -18.82 -29.89
CA GLU B 217 -5.68 -19.30 -31.07
C GLU B 217 -5.82 -18.30 -32.26
N LYS B 218 -6.83 -17.44 -32.21
CA LYS B 218 -7.03 -16.39 -33.23
C LYS B 218 -6.35 -15.07 -32.90
N ALA B 219 -5.56 -15.01 -31.83
CA ALA B 219 -5.07 -13.73 -31.31
C ALA B 219 -4.16 -12.98 -32.27
N GLY B 220 -3.32 -13.70 -33.00
CA GLY B 220 -2.40 -13.05 -33.92
C GLY B 220 -3.15 -12.27 -34.98
N MET B 221 -4.16 -12.90 -35.57
CA MET B 221 -4.96 -12.25 -36.59
C MET B 221 -5.77 -11.08 -36.04
N SER B 222 -6.36 -11.25 -34.85
CA SER B 222 -7.15 -10.20 -34.24
C SER B 222 -6.24 -9.02 -33.92
N PHE B 223 -5.09 -9.31 -33.31
CA PHE B 223 -4.09 -8.28 -33.00
C PHE B 223 -3.73 -7.45 -34.24
N ASP B 224 -3.40 -8.11 -35.34
CA ASP B 224 -3.01 -7.37 -36.55
C ASP B 224 -4.14 -6.49 -37.08
N GLU B 225 -5.36 -6.98 -37.01
CA GLU B 225 -6.52 -6.20 -37.45
C GLU B 225 -6.80 -4.97 -36.57
N PHE B 226 -6.70 -5.12 -35.26
CA PHE B 226 -7.21 -4.11 -34.33
C PHE B 226 -6.17 -3.27 -33.62
N LEU B 227 -4.89 -3.56 -33.84
CA LEU B 227 -3.82 -2.81 -33.20
C LEU B 227 -4.02 -1.28 -33.33
N GLU B 228 -4.24 -0.79 -34.54
CA GLU B 228 -4.36 0.68 -34.76
C GLU B 228 -5.53 1.29 -33.98
N LYS B 229 -6.71 0.72 -34.12
CA LYS B 229 -7.89 1.27 -33.47
C LYS B 229 -7.76 1.17 -31.96
N SER B 230 -7.34 0.00 -31.46
CA SER B 230 -7.21 -0.17 -30.00
C SER B 230 -6.14 0.77 -29.43
N ALA B 231 -4.99 0.89 -30.10
CA ALA B 231 -3.96 1.85 -29.67
C ALA B 231 -4.47 3.29 -29.61
N HIS B 232 -5.29 3.67 -30.59
CA HIS B 232 -5.87 5.01 -30.62
C HIS B 232 -6.87 5.22 -29.47
N THR B 233 -7.67 4.19 -29.20
CA THR B 233 -8.62 4.27 -28.12
C THR B 233 -7.92 4.49 -26.77
N SER B 234 -6.84 3.75 -26.53
CA SER B 234 -6.08 3.90 -25.31
C SER B 234 -5.40 5.28 -25.21
N ALA B 235 -4.82 5.72 -26.33
CA ALA B 235 -4.13 6.99 -26.38
C ALA B 235 -5.09 8.15 -26.14
N LYS B 236 -6.28 8.08 -26.71
CA LYS B 236 -7.29 9.14 -26.54
C LYS B 236 -7.67 9.24 -25.07
N PHE B 237 -7.84 8.11 -24.41
CA PHE B 237 -8.18 8.13 -22.99
C PHE B 237 -7.03 8.66 -22.15
N LEU B 238 -5.81 8.24 -22.47
CA LEU B 238 -4.63 8.75 -21.77
C LEU B 238 -4.54 10.28 -21.90
N LYS B 239 -4.79 10.82 -23.09
CA LYS B 239 -4.79 12.27 -23.26
C LYS B 239 -5.84 12.94 -22.35
N SER B 240 -7.01 12.34 -22.24
CA SER B 240 -8.05 12.91 -21.37
C SER B 240 -7.60 12.93 -19.91
N MET B 241 -6.80 11.95 -19.49
CA MET B 241 -6.25 11.97 -18.13
C MET B 241 -5.26 13.10 -17.96
N VAL B 242 -4.34 13.25 -18.92
CA VAL B 242 -3.36 14.31 -18.85
C VAL B 242 -4.03 15.69 -18.80
N ASP B 243 -5.17 15.84 -19.47
CA ASP B 243 -5.89 17.11 -19.45
C ASP B 243 -6.37 17.50 -18.06
N GLU B 244 -6.39 16.56 -17.11
CA GLU B 244 -6.88 16.80 -15.75
C GLU B 244 -5.78 16.80 -14.69
N LEU B 245 -4.53 16.57 -15.10
CA LEU B 245 -3.41 16.55 -14.17
C LEU B 245 -2.95 17.96 -13.86
N VAL C 16 -12.15 -16.60 37.31
CA VAL C 16 -12.88 -15.29 37.38
C VAL C 16 -13.32 -14.86 35.98
N GLN C 17 -14.59 -14.47 35.85
CA GLN C 17 -15.15 -14.04 34.56
C GLN C 17 -15.54 -12.57 34.63
N LYS C 18 -15.00 -11.76 33.72
CA LYS C 18 -15.26 -10.33 33.70
C LYS C 18 -15.93 -10.02 32.36
N ILE C 19 -17.14 -9.46 32.45
CA ILE C 19 -17.95 -9.14 31.30
C ILE C 19 -18.23 -7.65 31.24
N GLY C 20 -17.96 -7.05 30.08
CA GLY C 20 -18.25 -5.65 29.84
C GLY C 20 -19.60 -5.54 29.17
N ILE C 21 -20.39 -4.58 29.61
CA ILE C 21 -21.72 -4.33 29.10
C ILE C 21 -21.84 -2.85 28.76
N LEU C 22 -22.16 -2.55 27.50
CA LEU C 22 -22.12 -1.18 27.00
C LEU C 22 -23.41 -0.77 26.35
N GLY C 23 -23.80 0.48 26.57
CA GLY C 23 -24.75 1.17 25.70
C GLY C 23 -24.13 2.49 25.27
N ALA C 24 -24.82 3.22 24.40
CA ALA C 24 -24.32 4.51 23.94
C ALA C 24 -24.85 5.62 24.82
N MET C 25 -26.15 5.60 25.11
CA MET C 25 -26.79 6.67 25.89
C MET C 25 -27.14 6.18 27.29
N ARG C 26 -27.28 7.10 28.24
CA ARG C 26 -27.72 6.70 29.59
C ARG C 26 -29.01 5.89 29.53
N GLU C 27 -29.93 6.31 28.67
CA GLU C 27 -31.23 5.65 28.55
C GLU C 27 -31.06 4.18 28.16
N GLU C 28 -29.98 3.83 27.48
CA GLU C 28 -29.75 2.43 27.10
C GLU C 28 -29.24 1.55 28.23
N ILE C 29 -28.56 2.14 29.22
CA ILE C 29 -28.06 1.34 30.36
C ILE C 29 -28.91 1.41 31.62
N THR C 30 -29.75 2.43 31.76
CA THR C 30 -30.63 2.54 32.92
C THR C 30 -31.40 1.24 33.17
N PRO C 31 -32.08 0.71 32.12
CA PRO C 31 -32.76 -0.59 32.32
C PRO C 31 -31.83 -1.76 32.62
N ILE C 32 -30.58 -1.72 32.16
CA ILE C 32 -29.63 -2.80 32.42
C ILE C 32 -29.29 -2.84 33.91
N LEU C 33 -28.93 -1.69 34.45
CA LEU C 33 -28.59 -1.58 35.87
C LEU C 33 -29.74 -2.06 36.74
N GLU C 34 -30.95 -1.63 36.38
CA GLU C 34 -32.17 -1.99 37.12
C GLU C 34 -32.43 -3.50 37.09
N LEU C 35 -32.30 -4.10 35.90
CA LEU C 35 -32.56 -5.53 35.74
C LEU C 35 -31.59 -6.42 36.50
N PHE C 36 -30.33 -6.03 36.58
CA PHE C 36 -29.37 -6.85 37.31
C PHE C 36 -29.63 -6.78 38.80
N GLY C 37 -30.01 -5.60 39.29
CA GLY C 37 -30.48 -5.47 40.66
C GLY C 37 -29.44 -5.67 41.74
N VAL C 38 -28.17 -5.56 41.40
CA VAL C 38 -27.08 -5.66 42.38
C VAL C 38 -26.57 -4.26 42.65
N ASP C 39 -25.81 -4.10 43.73
CA ASP C 39 -25.19 -2.81 44.01
C ASP C 39 -23.96 -2.67 43.13
N PHE C 40 -23.79 -1.48 42.58
CA PHE C 40 -22.69 -1.19 41.68
C PHE C 40 -21.78 -0.13 42.30
N GLU C 41 -20.47 -0.38 42.28
CA GLU C 41 -19.47 0.63 42.58
C GLU C 41 -19.22 1.48 41.32
N GLU C 42 -19.28 2.80 41.46
CA GLU C 42 -19.12 3.72 40.33
C GLU C 42 -17.67 4.22 40.26
N ILE C 43 -17.02 3.96 39.13
CA ILE C 43 -15.62 4.28 38.94
C ILE C 43 -15.50 5.21 37.73
N PRO C 44 -15.05 6.45 37.95
CA PRO C 44 -14.83 7.35 36.81
C PRO C 44 -13.48 7.13 36.15
N LEU C 45 -13.46 7.17 34.82
CA LEU C 45 -12.23 7.04 34.07
C LEU C 45 -12.47 7.54 32.65
N GLY C 46 -11.59 8.43 32.19
CA GLY C 46 -11.66 8.92 30.81
C GLY C 46 -12.97 9.54 30.40
N GLY C 47 -13.69 10.16 31.34
CA GLY C 47 -14.96 10.82 31.03
C GLY C 47 -16.18 9.92 31.08
N ASN C 48 -15.95 8.64 31.42
CA ASN C 48 -17.01 7.70 31.59
C ASN C 48 -17.13 7.30 33.06
N VAL C 49 -18.32 6.81 33.42
CA VAL C 49 -18.54 6.20 34.74
C VAL C 49 -18.80 4.72 34.51
N PHE C 50 -17.96 3.89 35.12
CA PHE C 50 -18.09 2.44 35.01
C PHE C 50 -18.75 1.90 36.27
N HIS C 51 -19.82 1.15 36.09
CA HIS C 51 -20.59 0.54 37.20
C HIS C 51 -20.13 -0.90 37.36
N LYS C 52 -19.42 -1.19 38.46
CA LYS C 52 -18.82 -2.50 38.67
C LYS C 52 -19.59 -3.24 39.75
N GLY C 53 -20.08 -4.44 39.41
CA GLY C 53 -20.79 -5.31 40.35
C GLY C 53 -20.41 -6.76 40.15
N VAL C 54 -20.99 -7.64 40.98
CA VAL C 54 -20.81 -9.07 40.83
C VAL C 54 -22.20 -9.67 40.76
N TYR C 55 -22.34 -10.68 39.90
CA TYR C 55 -23.62 -11.27 39.60
C TYR C 55 -23.40 -12.71 39.17
N HIS C 56 -23.93 -13.66 39.97
CA HIS C 56 -23.81 -15.08 39.70
C HIS C 56 -22.39 -15.47 39.29
N ASN C 57 -21.44 -15.09 40.14
CA ASN C 57 -20.02 -15.44 40.03
C ASN C 57 -19.33 -14.72 38.87
N LYS C 58 -19.94 -13.68 38.33
CA LYS C 58 -19.33 -12.92 37.24
C LYS C 58 -19.16 -11.48 37.68
N GLU C 59 -18.04 -10.89 37.30
CA GLU C 59 -17.85 -9.47 37.49
C GLU C 59 -18.44 -8.79 36.26
N ILE C 60 -19.38 -7.88 36.47
CA ILE C 60 -20.00 -7.15 35.37
C ILE C 60 -19.63 -5.67 35.48
N ILE C 61 -19.17 -5.11 34.36
CA ILE C 61 -18.79 -3.72 34.30
C ILE C 61 -19.70 -3.07 33.28
N VAL C 62 -20.54 -2.15 33.74
CA VAL C 62 -21.57 -1.52 32.88
C VAL C 62 -21.28 -0.04 32.66
N ALA C 63 -21.37 0.45 31.41
CA ALA C 63 -21.23 1.89 31.15
C ALA C 63 -21.96 2.29 29.87
N TYR C 64 -22.37 3.56 29.79
CA TYR C 64 -22.73 4.16 28.51
C TYR C 64 -21.54 5.00 28.01
N SER C 65 -21.26 4.88 26.73
CA SER C 65 -20.07 5.51 26.15
C SER C 65 -20.24 6.99 25.87
N LYS C 66 -21.49 7.42 25.69
CA LYS C 66 -21.87 8.63 24.98
C LYS C 66 -21.85 8.36 23.46
N ILE C 67 -22.56 9.21 22.74
CA ILE C 67 -22.92 8.94 21.35
C ILE C 67 -21.73 8.97 20.38
N GLY C 68 -21.73 8.02 19.42
CA GLY C 68 -20.88 8.08 18.26
C GLY C 68 -19.62 7.25 18.33
N LYS C 69 -18.84 7.32 17.27
CA LYS C 69 -17.72 6.41 17.08
C LYS C 69 -16.54 6.66 18.00
N VAL C 70 -16.16 7.92 18.20
CA VAL C 70 -15.01 8.22 19.05
C VAL C 70 -15.31 7.88 20.52
N HIS C 71 -16.47 8.32 20.99
CA HIS C 71 -16.89 8.02 22.35
C HIS C 71 -16.86 6.50 22.58
N SER C 72 -17.50 5.74 21.69
CA SER C 72 -17.63 4.29 21.89
C SER C 72 -16.28 3.56 21.76
N THR C 73 -15.42 4.03 20.86
CA THR C 73 -14.08 3.47 20.76
C THR C 73 -13.29 3.65 22.05
N LEU C 74 -13.35 4.86 22.59
CA LEU C 74 -12.64 5.19 23.82
C LEU C 74 -13.12 4.29 24.96
N THR C 75 -14.44 4.24 25.15
CA THR C 75 -15.00 3.48 26.27
C THR C 75 -14.69 2.00 26.16
N THR C 76 -14.76 1.46 24.96
CA THR C 76 -14.48 0.03 24.77
C THR C 76 -13.02 -0.28 25.08
N THR C 77 -12.12 0.60 24.66
CA THR C 77 -10.71 0.40 24.90
C THR C 77 -10.43 0.46 26.41
N SER C 78 -11.04 1.43 27.08
CA SER C 78 -10.96 1.52 28.56
C SER C 78 -11.45 0.25 29.26
N MET C 79 -12.59 -0.26 28.83
CA MET C 79 -13.13 -1.47 29.43
CA MET C 79 -13.14 -1.48 29.42
C MET C 79 -12.12 -2.60 29.36
N ILE C 80 -11.48 -2.75 28.21
CA ILE C 80 -10.53 -3.83 27.98
C ILE C 80 -9.22 -3.61 28.73
N LEU C 81 -8.65 -2.42 28.60
CA LEU C 81 -7.34 -2.15 29.15
C LEU C 81 -7.38 -1.91 30.66
N ALA C 82 -8.36 -1.13 31.11
CA ALA C 82 -8.40 -0.72 32.52
C ALA C 82 -9.15 -1.73 33.39
N PHE C 83 -10.20 -2.35 32.86
CA PHE C 83 -11.02 -3.27 33.65
C PHE C 83 -10.84 -4.75 33.28
N GLY C 84 -10.02 -5.04 32.28
CA GLY C 84 -9.72 -6.42 31.90
C GLY C 84 -10.91 -7.28 31.47
N VAL C 85 -11.93 -6.68 30.87
CA VAL C 85 -13.09 -7.49 30.49
C VAL C 85 -12.66 -8.54 29.45
N GLN C 86 -13.30 -9.70 29.52
CA GLN C 86 -12.99 -10.84 28.67
C GLN C 86 -14.00 -11.02 27.54
N LYS C 87 -15.14 -10.37 27.67
CA LYS C 87 -16.15 -10.32 26.62
C LYS C 87 -16.87 -9.00 26.74
N VAL C 88 -17.39 -8.51 25.62
CA VAL C 88 -18.19 -7.28 25.59
C VAL C 88 -19.54 -7.52 24.92
N LEU C 89 -20.60 -7.11 25.61
CA LEU C 89 -21.95 -7.16 25.07
C LEU C 89 -22.45 -5.74 24.97
N PHE C 90 -22.89 -5.35 23.78
CA PHE C 90 -23.48 -4.03 23.58
C PHE C 90 -25.00 -4.14 23.44
N SER C 91 -25.74 -3.27 24.12
CA SER C 91 -27.19 -3.24 24.07
C SER C 91 -27.65 -1.83 23.81
N GLY C 92 -28.58 -1.68 22.87
CA GLY C 92 -29.14 -0.38 22.57
C GLY C 92 -30.18 -0.43 21.47
N VAL C 93 -30.41 0.72 20.85
CA VAL C 93 -31.45 0.85 19.83
C VAL C 93 -30.84 1.17 18.47
N ALA C 94 -31.61 0.99 17.39
CA ALA C 94 -31.08 1.20 16.04
C ALA C 94 -32.20 1.56 15.06
N GLY C 95 -31.80 2.09 13.91
CA GLY C 95 -32.72 2.38 12.82
C GLY C 95 -32.81 1.17 11.91
N SER C 96 -34.02 0.81 11.51
CA SER C 96 -34.21 -0.31 10.56
C SER C 96 -34.03 0.13 9.12
N LEU C 97 -33.31 -0.69 8.36
CA LEU C 97 -33.15 -0.49 6.92
C LEU C 97 -33.94 -1.51 6.09
N VAL C 98 -34.68 -2.40 6.72
CA VAL C 98 -35.37 -3.46 5.98
C VAL C 98 -36.80 -3.61 6.48
N LYS C 99 -37.69 -3.94 5.55
CA LYS C 99 -39.14 -3.95 5.80
C LYS C 99 -39.54 -4.85 6.96
N ASP C 100 -38.84 -5.97 7.11
CA ASP C 100 -39.19 -7.01 8.10
C ASP C 100 -38.65 -6.74 9.50
N LEU C 101 -37.78 -5.73 9.66
CA LEU C 101 -37.38 -5.27 10.99
C LEU C 101 -38.22 -4.06 11.37
N LYS C 102 -39.15 -4.29 12.29
CA LYS C 102 -40.09 -3.26 12.69
C LYS C 102 -39.77 -2.77 14.08
N ILE C 103 -40.43 -1.69 14.47
CA ILE C 103 -40.21 -1.10 15.79
C ILE C 103 -40.29 -2.17 16.86
N ASN C 104 -39.31 -2.12 17.76
CA ASN C 104 -39.12 -3.02 18.90
C ASN C 104 -38.44 -4.35 18.57
N ASP C 105 -38.32 -4.70 17.29
CA ASP C 105 -37.70 -5.97 16.92
C ASP C 105 -36.23 -6.02 17.31
N LEU C 106 -35.75 -7.20 17.66
CA LEU C 106 -34.37 -7.41 18.03
C LEU C 106 -33.54 -7.96 16.90
N LEU C 107 -32.34 -7.42 16.79
CA LEU C 107 -31.34 -7.82 15.81
C LEU C 107 -30.01 -8.02 16.52
N VAL C 108 -29.34 -9.13 16.23
CA VAL C 108 -27.95 -9.29 16.63
C VAL C 108 -27.08 -9.09 15.39
N ALA C 109 -25.97 -8.36 15.51
CA ALA C 109 -25.11 -8.11 14.36
C ALA C 109 -24.35 -9.37 13.99
N THR C 110 -24.27 -9.64 12.69
CA THR C 110 -23.36 -10.66 12.20
C THR C 110 -22.02 -10.01 12.00
N GLN C 111 -21.97 -9.07 11.06
CA GLN C 111 -20.79 -8.26 10.82
C GLN C 111 -21.17 -6.78 10.82
N LEU C 112 -20.18 -5.92 11.02
CA LEU C 112 -20.45 -4.47 11.07
C LEU C 112 -19.52 -3.70 10.16
N VAL C 113 -19.97 -2.50 9.76
CA VAL C 113 -19.20 -1.65 8.87
C VAL C 113 -19.26 -0.20 9.34
N GLN C 114 -18.23 0.57 9.02
CA GLN C 114 -18.23 2.03 9.22
C GLN C 114 -18.66 2.65 7.92
N HIS C 115 -19.92 3.03 7.84
CA HIS C 115 -20.50 3.37 6.55
C HIS C 115 -20.11 4.73 6.02
N ASP C 116 -19.54 5.58 6.89
CA ASP C 116 -19.17 6.92 6.51
C ASP C 116 -17.69 7.09 6.17
N VAL C 117 -16.95 5.98 6.14
CA VAL C 117 -15.56 6.03 5.76
C VAL C 117 -15.44 6.19 4.24
N ASP C 118 -14.68 7.18 3.78
CA ASP C 118 -14.56 7.46 2.36
C ASP C 118 -13.13 7.85 1.98
N LEU C 119 -12.39 6.87 1.46
CA LEU C 119 -11.09 7.11 0.85
C LEU C 119 -11.12 6.86 -0.65
N SER C 120 -12.27 7.15 -1.25
CA SER C 120 -12.48 6.89 -2.67
C SER C 120 -11.60 7.77 -3.56
N ALA C 121 -11.04 8.86 -3.04
CA ALA C 121 -10.08 9.65 -3.79
C ALA C 121 -8.83 8.86 -4.18
N PHE C 122 -8.57 7.76 -3.46
CA PHE C 122 -7.48 6.85 -3.75
C PHE C 122 -7.97 5.49 -4.26
N ASP C 123 -9.21 5.47 -4.75
CA ASP C 123 -9.82 4.29 -5.33
C ASP C 123 -10.03 3.16 -4.34
N HIS C 124 -10.14 3.46 -3.05
CA HIS C 124 -10.53 2.45 -2.07
C HIS C 124 -12.03 2.36 -2.04
N PRO C 125 -12.55 1.13 -1.89
CA PRO C 125 -13.98 0.94 -1.71
C PRO C 125 -14.47 1.74 -0.52
N LEU C 126 -15.72 2.17 -0.56
CA LEU C 126 -16.31 2.87 0.57
C LEU C 126 -16.34 1.92 1.75
N GLY C 127 -16.04 2.45 2.94
CA GLY C 127 -15.93 1.64 4.14
C GLY C 127 -14.58 1.06 4.43
N PHE C 128 -13.68 1.09 3.44
CA PHE C 128 -12.37 0.46 3.59
C PHE C 128 -11.29 1.44 4.01
N ILE C 129 -10.46 1.00 4.96
CA ILE C 129 -9.26 1.72 5.35
C ILE C 129 -8.07 0.77 5.18
N PRO C 130 -6.98 1.26 4.57
CA PRO C 130 -5.78 0.43 4.50
C PRO C 130 -5.36 -0.16 5.86
N GLU C 131 -4.84 -1.38 5.84
CA GLU C 131 -4.48 -2.13 7.06
C GLU C 131 -5.70 -2.51 7.91
N SER C 132 -6.88 -2.44 7.31
CA SER C 132 -8.11 -2.87 7.94
C SER C 132 -8.96 -3.64 6.93
N ALA C 133 -10.27 -3.68 7.17
CA ALA C 133 -11.23 -4.39 6.33
C ALA C 133 -12.55 -3.66 6.40
N ILE C 134 -13.38 -3.78 5.37
CA ILE C 134 -14.70 -3.19 5.38
C ILE C 134 -15.55 -3.79 6.52
N PHE C 135 -15.63 -5.12 6.57
CA PHE C 135 -16.51 -5.79 7.53
C PHE C 135 -15.77 -6.31 8.74
N ILE C 136 -16.33 -5.99 9.91
CA ILE C 136 -15.80 -6.42 11.20
C ILE C 136 -16.65 -7.58 11.72
N GLU C 137 -15.99 -8.65 12.15
CA GLU C 137 -16.67 -9.86 12.63
C GLU C 137 -16.94 -9.81 14.12
N THR C 138 -17.84 -10.68 14.55
CA THR C 138 -18.23 -10.80 15.94
C THR C 138 -18.20 -12.28 16.37
N SER C 139 -18.50 -12.51 17.64
CA SER C 139 -18.35 -13.82 18.25
C SER C 139 -19.44 -14.81 17.83
N GLY C 140 -19.02 -15.93 17.25
CA GLY C 140 -19.97 -16.99 16.94
C GLY C 140 -20.57 -17.61 18.18
N SER C 141 -19.78 -17.74 19.24
CA SER C 141 -20.28 -18.30 20.48
C SER C 141 -21.39 -17.43 21.08
N LEU C 142 -21.16 -16.12 21.15
CA LEU C 142 -22.20 -15.25 21.65
C LEU C 142 -23.43 -15.17 20.71
N ASN C 143 -23.20 -15.28 19.40
CA ASN C 143 -24.32 -15.38 18.45
C ASN C 143 -25.20 -16.61 18.74
N ALA C 144 -24.55 -17.75 18.98
CA ALA C 144 -25.28 -18.95 19.32
C ALA C 144 -26.07 -18.80 20.61
N LEU C 145 -25.45 -18.15 21.60
CA LEU C 145 -26.13 -17.89 22.85
C LEU C 145 -27.37 -17.00 22.66
N ALA C 146 -27.23 -15.92 21.90
CA ALA C 146 -28.36 -15.05 21.60
C ALA C 146 -29.49 -15.84 20.96
N LYS C 147 -29.16 -16.69 20.00
CA LYS C 147 -30.19 -17.50 19.36
C LYS C 147 -30.83 -18.50 20.32
N LYS C 148 -30.03 -19.05 21.22
CA LYS C 148 -30.53 -19.97 22.25
C LYS C 148 -31.56 -19.29 23.14
N ILE C 149 -31.26 -18.08 23.60
CA ILE C 149 -32.17 -17.33 24.46
C ILE C 149 -33.44 -17.05 23.68
N ALA C 150 -33.29 -16.59 22.44
CA ALA C 150 -34.46 -16.23 21.64
C ALA C 150 -35.37 -17.43 21.43
N ASN C 151 -34.78 -18.58 21.11
CA ASN C 151 -35.58 -19.80 20.90
C ASN C 151 -36.21 -20.28 22.20
N GLU C 152 -35.51 -20.11 23.32
CA GLU C 152 -36.03 -20.49 24.65
C GLU C 152 -37.20 -19.62 25.10
N GLN C 153 -37.10 -18.32 24.80
CA GLN C 153 -38.14 -17.38 25.24
C GLN C 153 -39.16 -17.10 24.13
N HIS C 154 -39.05 -17.81 23.01
CA HIS C 154 -39.97 -17.63 21.88
C HIS C 154 -40.05 -16.16 21.47
N ILE C 155 -38.88 -15.52 21.39
CA ILE C 155 -38.74 -14.15 20.93
C ILE C 155 -38.13 -14.25 19.55
N ALA C 156 -38.68 -13.49 18.61
CA ALA C 156 -38.11 -13.39 17.27
C ALA C 156 -36.79 -12.64 17.37
N LEU C 157 -35.74 -13.22 16.82
CA LEU C 157 -34.43 -12.57 16.76
C LEU C 157 -33.96 -12.67 15.35
N LYS C 158 -33.60 -11.54 14.77
CA LYS C 158 -33.03 -11.51 13.45
C LYS C 158 -31.54 -11.30 13.62
N GLU C 159 -30.80 -11.56 12.55
CA GLU C 159 -29.38 -11.26 12.53
C GLU C 159 -29.05 -10.66 11.18
N GLY C 160 -28.04 -9.80 11.15
CA GLY C 160 -27.61 -9.21 9.90
C GLY C 160 -26.56 -8.17 10.11
N VAL C 161 -26.20 -7.52 9.02
CA VAL C 161 -25.15 -6.51 9.01
C VAL C 161 -25.68 -5.21 9.61
N ILE C 162 -24.89 -4.63 10.50
CA ILE C 162 -25.19 -3.33 11.09
C ILE C 162 -24.16 -2.32 10.60
N ALA C 163 -24.66 -1.20 10.07
CA ALA C 163 -23.81 -0.10 9.61
C ALA C 163 -23.75 0.98 10.69
N SER C 164 -22.56 1.50 10.97
CA SER C 164 -22.36 2.53 11.99
C SER C 164 -21.63 3.72 11.39
N GLY C 165 -22.05 4.92 11.78
CA GLY C 165 -21.42 6.16 11.34
C GLY C 165 -21.72 7.27 12.29
N ASP C 166 -21.11 8.43 12.07
CA ASP C 166 -21.30 9.56 12.97
C ASP C 166 -22.41 10.52 12.55
N GLN C 167 -23.40 10.00 11.82
CA GLN C 167 -24.58 10.77 11.46
C GLN C 167 -25.83 9.98 11.88
N PHE C 168 -26.84 10.67 12.40
CA PHE C 168 -28.14 10.06 12.59
C PHE C 168 -28.80 10.04 11.23
N VAL C 169 -29.15 8.86 10.74
CA VAL C 169 -29.68 8.70 9.39
C VAL C 169 -31.19 8.92 9.39
N HIS C 170 -31.64 9.81 8.51
CA HIS C 170 -33.06 10.19 8.46
C HIS C 170 -33.47 10.58 7.03
N SER C 171 -33.04 9.78 6.06
CA SER C 171 -33.42 10.01 4.67
C SER C 171 -33.44 8.72 3.87
N LYS C 172 -34.38 8.67 2.92
CA LYS C 172 -34.50 7.55 2.00
C LYS C 172 -33.22 7.36 1.21
N GLU C 173 -32.60 8.46 0.76
CA GLU C 173 -31.38 8.38 -0.03
C GLU C 173 -30.25 7.68 0.72
N ARG C 174 -30.04 8.07 1.96
CA ARG C 174 -28.98 7.43 2.73
C ARG C 174 -29.32 5.99 3.05
N LYS C 175 -30.58 5.71 3.36
CA LYS C 175 -31.00 4.32 3.60
C LYS C 175 -30.63 3.45 2.42
N GLU C 176 -30.97 3.93 1.24
CA GLU C 176 -30.75 3.15 0.01
C GLU C 176 -29.28 2.92 -0.25
N PHE C 177 -28.45 3.91 0.01
CA PHE C 177 -27.00 3.73 -0.03
C PHE C 177 -26.51 2.61 0.91
N LEU C 178 -27.00 2.60 2.15
CA LEU C 178 -26.53 1.61 3.13
C LEU C 178 -26.89 0.19 2.69
N VAL C 179 -28.11 0.04 2.15
CA VAL C 179 -28.58 -1.26 1.63
C VAL C 179 -27.77 -1.67 0.40
N SER C 180 -27.62 -0.75 -0.54
CA SER C 180 -26.94 -1.07 -1.80
C SER C 180 -25.44 -1.31 -1.62
N GLU C 181 -24.78 -0.50 -0.80
CA GLU C 181 -23.34 -0.56 -0.68
C GLU C 181 -22.90 -1.67 0.27
N PHE C 182 -23.60 -1.81 1.39
CA PHE C 182 -23.15 -2.72 2.44
C PHE C 182 -24.11 -3.86 2.78
N LYS C 183 -25.27 -3.88 2.14
CA LYS C 183 -26.33 -4.88 2.43
C LYS C 183 -26.70 -4.86 3.90
N ALA C 184 -26.70 -3.67 4.52
CA ALA C 184 -27.00 -3.54 5.95
C ALA C 184 -28.49 -3.71 6.26
N SER C 185 -28.76 -4.23 7.45
CA SER C 185 -30.10 -4.42 7.95
C SER C 185 -30.52 -3.31 8.91
N ALA C 186 -29.55 -2.71 9.59
CA ALA C 186 -29.83 -1.63 10.56
C ALA C 186 -28.69 -0.65 10.61
N VAL C 187 -28.96 0.53 11.15
CA VAL C 187 -27.98 1.59 11.23
C VAL C 187 -27.94 2.15 12.66
N GLU C 188 -26.74 2.42 13.15
CA GLU C 188 -26.56 3.08 14.45
C GLU C 188 -25.22 3.82 14.42
N MET C 189 -24.68 4.22 15.56
CA MET C 189 -23.52 5.09 15.55
C MET C 189 -22.36 4.58 16.42
N GLU C 190 -22.40 3.31 16.84
CA GLU C 190 -21.40 2.80 17.80
C GLU C 190 -20.98 1.34 17.63
N GLY C 191 -21.84 0.51 17.04
CA GLY C 191 -21.59 -0.92 16.95
C GLY C 191 -20.28 -1.28 16.29
N ALA C 192 -20.02 -0.71 15.13
CA ALA C 192 -18.81 -1.05 14.40
C ALA C 192 -17.55 -0.67 15.17
N SER C 193 -17.57 0.48 15.85
CA SER C 193 -16.40 0.89 16.63
C SER C 193 -16.16 -0.02 17.84
N VAL C 194 -17.23 -0.41 18.52
CA VAL C 194 -17.10 -1.34 19.66
C VAL C 194 -16.53 -2.69 19.19
N ALA C 195 -17.14 -3.25 18.14
CA ALA C 195 -16.71 -4.52 17.60
C ALA C 195 -15.29 -4.45 17.06
N PHE C 196 -14.94 -3.32 16.44
CA PHE C 196 -13.60 -3.10 15.92
C PHE C 196 -12.56 -3.20 17.03
N VAL C 197 -12.80 -2.48 18.11
CA VAL C 197 -11.90 -2.50 19.25
C VAL C 197 -11.77 -3.92 19.79
N CYS C 198 -12.88 -4.58 20.02
CA CYS C 198 -12.86 -5.92 20.57
C CYS C 198 -12.04 -6.85 19.67
N GLN C 199 -12.22 -6.72 18.37
CA GLN C 199 -11.46 -7.58 17.45
C GLN C 199 -9.96 -7.30 17.54
N LYS C 200 -9.57 -6.02 17.65
CA LYS C 200 -8.14 -5.69 17.76
C LYS C 200 -7.49 -6.28 19.01
N PHE C 201 -8.25 -6.46 20.09
CA PHE C 201 -7.74 -7.01 21.36
C PHE C 201 -8.07 -8.49 21.58
N GLY C 202 -8.71 -9.11 20.59
CA GLY C 202 -9.10 -10.51 20.69
C GLY C 202 -10.15 -10.81 21.75
N VAL C 203 -11.09 -9.88 21.94
CA VAL C 203 -12.13 -10.00 22.93
C VAL C 203 -13.46 -10.33 22.24
N PRO C 204 -14.10 -11.47 22.59
CA PRO C 204 -15.42 -11.78 22.02
C PRO C 204 -16.43 -10.66 22.21
N CYS C 205 -17.18 -10.35 21.15
CA CYS C 205 -18.12 -9.22 21.14
C CYS C 205 -19.45 -9.66 20.57
N CYS C 206 -20.53 -9.16 21.16
CA CYS C 206 -21.87 -9.26 20.59
C CYS C 206 -22.52 -7.89 20.61
N VAL C 207 -23.10 -7.49 19.49
CA VAL C 207 -23.84 -6.23 19.39
C VAL C 207 -25.32 -6.53 19.18
N LEU C 208 -26.12 -6.12 20.15
CA LEU C 208 -27.56 -6.36 20.14
CA LEU C 208 -27.58 -6.36 20.16
C LEU C 208 -28.26 -5.01 20.02
N ARG C 209 -29.26 -4.94 19.15
CA ARG C 209 -30.04 -3.70 18.97
C ARG C 209 -31.52 -4.00 18.84
N SER C 210 -32.35 -3.12 19.41
CA SER C 210 -33.78 -3.13 19.20
C SER C 210 -34.18 -1.91 18.37
N ILE C 211 -35.04 -2.11 17.37
CA ILE C 211 -35.38 -1.03 16.44
C ILE C 211 -36.19 0.09 17.09
N SER C 212 -35.72 1.35 16.95
CA SER C 212 -36.44 2.52 17.44
C SER C 212 -37.11 3.37 16.36
N ASP C 213 -36.74 3.15 15.10
CA ASP C 213 -37.18 4.00 13.99
C ASP C 213 -36.81 3.38 12.66
N ASN C 214 -37.26 4.01 11.57
CA ASN C 214 -37.02 3.50 10.21
C ASN C 214 -36.00 4.30 9.42
N ALA C 215 -35.18 5.10 10.11
CA ALA C 215 -34.03 5.75 9.51
C ALA C 215 -34.42 6.66 8.34
N ASP C 216 -35.67 7.10 8.36
CA ASP C 216 -36.27 7.89 7.30
C ASP C 216 -36.56 9.31 7.82
N GLU C 217 -37.38 10.06 7.10
CA GLU C 217 -37.56 11.47 7.46
C GLU C 217 -38.31 11.64 8.80
N LYS C 218 -38.99 10.58 9.24
CA LYS C 218 -39.69 10.58 10.53
C LYS C 218 -38.85 10.02 11.68
N ALA C 219 -37.58 9.71 11.41
CA ALA C 219 -36.78 8.92 12.37
C ALA C 219 -36.53 9.63 13.69
N GLY C 220 -36.34 10.94 13.65
CA GLY C 220 -36.13 11.70 14.89
C GLY C 220 -37.31 11.56 15.81
N MET C 221 -38.51 11.75 15.25
CA MET C 221 -39.74 11.61 16.04
C MET C 221 -39.97 10.18 16.52
N SER C 222 -39.76 9.19 15.63
CA SER C 222 -39.94 7.80 16.03
C SER C 222 -38.96 7.42 17.15
N PHE C 223 -37.71 7.85 17.00
CA PHE C 223 -36.70 7.56 17.98
C PHE C 223 -37.12 8.10 19.35
N ASP C 224 -37.55 9.35 19.39
CA ASP C 224 -37.95 9.95 20.67
C ASP C 224 -39.13 9.19 21.28
N GLU C 225 -40.03 8.69 20.44
CA GLU C 225 -41.21 7.96 20.93
C GLU C 225 -40.86 6.58 21.51
N PHE C 226 -39.92 5.88 20.87
CA PHE C 226 -39.67 4.48 21.13
C PHE C 226 -38.36 4.14 21.81
N LEU C 227 -37.53 5.15 22.06
CA LEU C 227 -36.24 4.94 22.74
C LEU C 227 -36.39 4.12 24.04
N GLU C 228 -37.30 4.55 24.92
CA GLU C 228 -37.46 3.91 26.22
C GLU C 228 -37.84 2.44 26.08
N LYS C 229 -38.85 2.16 25.28
CA LYS C 229 -39.31 0.78 25.15
C LYS C 229 -38.28 -0.10 24.42
N SER C 230 -37.76 0.37 23.29
CA SER C 230 -36.75 -0.39 22.56
C SER C 230 -35.49 -0.63 23.41
N ALA C 231 -35.06 0.38 24.18
CA ALA C 231 -33.89 0.19 25.04
C ALA C 231 -34.14 -0.88 26.12
N HIS C 232 -35.35 -0.89 26.66
CA HIS C 232 -35.72 -1.91 27.63
C HIS C 232 -35.76 -3.32 27.01
N THR C 233 -36.27 -3.42 25.79
CA THR C 233 -36.33 -4.69 25.08
C THR C 233 -34.93 -5.26 24.88
N SER C 234 -34.02 -4.44 24.41
CA SER C 234 -32.65 -4.88 24.24
C SER C 234 -32.00 -5.24 25.59
N ALA C 235 -32.20 -4.40 26.61
CA ALA C 235 -31.60 -4.62 27.91
C ALA C 235 -32.02 -5.94 28.55
N LYS C 236 -33.31 -6.24 28.44
CA LYS C 236 -33.88 -7.48 28.96
C LYS C 236 -33.24 -8.67 28.28
N PHE C 237 -33.05 -8.58 26.97
CA PHE C 237 -32.43 -9.67 26.22
C PHE C 237 -30.97 -9.87 26.60
N LEU C 238 -30.22 -8.76 26.73
CA LEU C 238 -28.84 -8.84 27.18
C LEU C 238 -28.75 -9.50 28.57
N LYS C 239 -29.61 -9.08 29.49
CA LYS C 239 -29.70 -9.67 30.83
C LYS C 239 -29.87 -11.21 30.75
N SER C 240 -30.80 -11.65 29.89
CA SER C 240 -31.07 -13.07 29.69
C SER C 240 -29.85 -13.82 29.17
N MET C 241 -29.08 -13.16 28.29
CA MET C 241 -27.82 -13.75 27.83
C MET C 241 -26.79 -13.88 28.95
N VAL C 242 -26.65 -12.85 29.77
CA VAL C 242 -25.68 -12.92 30.85
C VAL C 242 -26.09 -13.98 31.89
N ASP C 243 -27.38 -14.19 32.07
CA ASP C 243 -27.87 -15.23 32.98
C ASP C 243 -27.32 -16.60 32.59
N GLU C 244 -27.07 -16.81 31.30
CA GLU C 244 -26.56 -18.10 30.82
C GLU C 244 -25.05 -18.16 30.61
N LEU C 245 -24.35 -17.06 30.84
CA LEU C 245 -22.89 -17.10 30.81
C LEU C 245 -22.35 -17.63 32.12
N VAL D 16 11.60 9.74 34.34
CA VAL D 16 10.47 10.64 34.70
C VAL D 16 9.58 10.89 33.48
N GLN D 17 10.04 11.63 32.48
CA GLN D 17 9.14 12.12 31.40
C GLN D 17 8.79 11.04 30.38
N LYS D 18 7.49 10.79 30.21
CA LYS D 18 7.01 9.81 29.23
C LYS D 18 6.20 10.53 28.16
N ILE D 19 6.69 10.53 26.93
CA ILE D 19 6.06 11.30 25.86
C ILE D 19 5.53 10.37 24.75
N GLY D 20 4.24 10.48 24.46
CA GLY D 20 3.62 9.77 23.35
C GLY D 20 3.77 10.59 22.08
N ILE D 21 4.22 9.93 21.01
CA ILE D 21 4.36 10.55 19.70
C ILE D 21 3.59 9.73 18.68
N LEU D 22 2.63 10.37 18.00
CA LEU D 22 1.74 9.67 17.10
C LEU D 22 1.75 10.24 15.70
N GLY D 23 1.68 9.35 14.71
CA GLY D 23 1.25 9.69 13.37
C GLY D 23 0.08 8.78 13.00
N ALA D 24 -0.51 9.02 11.83
CA ALA D 24 -1.61 8.17 11.36
C ALA D 24 -1.10 7.04 10.49
N MET D 25 -0.15 7.36 9.61
CA MET D 25 0.37 6.40 8.63
C MET D 25 1.82 6.08 8.94
N ARG D 26 2.28 4.92 8.48
CA ARG D 26 3.68 4.57 8.69
C ARG D 26 4.58 5.67 8.15
N GLU D 27 4.24 6.22 6.99
CA GLU D 27 5.03 7.29 6.36
C GLU D 27 5.21 8.51 7.25
N GLU D 28 4.30 8.73 8.19
CA GLU D 28 4.44 9.89 9.08
C GLU D 28 5.37 9.63 10.25
N ILE D 29 5.58 8.36 10.63
CA ILE D 29 6.50 8.08 11.74
C ILE D 29 7.88 7.60 11.30
N THR D 30 8.02 7.09 10.07
CA THR D 30 9.35 6.67 9.59
C THR D 30 10.41 7.76 9.82
N PRO D 31 10.13 9.02 9.39
CA PRO D 31 11.09 10.09 9.63
C PRO D 31 11.29 10.40 11.12
N ILE D 32 10.26 10.19 11.95
CA ILE D 32 10.38 10.42 13.38
C ILE D 32 11.39 9.44 13.98
N LEU D 33 11.24 8.17 13.67
CA LEU D 33 12.14 7.14 14.18
C LEU D 33 13.57 7.40 13.73
N GLU D 34 13.72 7.76 12.46
CA GLU D 34 15.05 8.02 11.88
C GLU D 34 15.71 9.24 12.51
N LEU D 35 14.95 10.31 12.68
CA LEU D 35 15.46 11.54 13.27
C LEU D 35 15.90 11.39 14.74
N PHE D 36 15.12 10.67 15.54
CA PHE D 36 15.50 10.47 16.94
C PHE D 36 16.76 9.64 17.05
N GLY D 37 16.92 8.69 16.15
CA GLY D 37 18.17 7.96 15.97
C GLY D 37 18.61 7.12 17.17
N VAL D 38 17.65 6.68 17.98
CA VAL D 38 17.93 5.82 19.13
C VAL D 38 17.36 4.43 18.87
N ASP D 39 17.73 3.49 19.73
CA ASP D 39 17.19 2.14 19.66
C ASP D 39 15.75 2.16 20.13
N PHE D 40 14.92 1.38 19.48
CA PHE D 40 13.52 1.24 19.84
C PHE D 40 13.20 -0.23 20.07
N GLU D 41 12.43 -0.48 21.11
CA GLU D 41 11.84 -1.78 21.38
C GLU D 41 10.44 -1.75 20.81
N GLU D 42 10.06 -2.81 20.09
CA GLU D 42 8.74 -2.88 19.46
C GLU D 42 7.80 -3.70 20.35
N ILE D 43 6.66 -3.11 20.71
CA ILE D 43 5.71 -3.73 21.63
C ILE D 43 4.33 -3.74 20.95
N PRO D 44 3.84 -4.92 20.56
CA PRO D 44 2.53 -5.01 19.92
C PRO D 44 1.38 -4.95 20.94
N LEU D 45 0.32 -4.23 20.59
CA LEU D 45 -0.83 -4.11 21.47
C LEU D 45 -2.01 -3.55 20.69
N GLY D 46 -3.13 -4.26 20.71
CA GLY D 46 -4.35 -3.74 20.11
C GLY D 46 -4.24 -3.43 18.64
N GLY D 47 -3.39 -4.18 17.95
CA GLY D 47 -3.23 -4.04 16.52
C GLY D 47 -2.26 -2.97 16.10
N ASN D 48 -1.64 -2.30 17.08
CA ASN D 48 -0.60 -1.31 16.84
C ASN D 48 0.76 -1.83 17.28
N VAL D 49 1.81 -1.22 16.73
CA VAL D 49 3.19 -1.48 17.18
C VAL D 49 3.70 -0.21 17.81
N PHE D 50 4.05 -0.31 19.09
CA PHE D 50 4.59 0.83 19.82
C PHE D 50 6.10 0.71 19.89
N HIS D 51 6.79 1.77 19.48
CA HIS D 51 8.24 1.80 19.47
C HIS D 51 8.69 2.59 20.71
N LYS D 52 9.30 1.89 21.67
CA LYS D 52 9.67 2.50 22.94
C LYS D 52 11.19 2.75 22.99
N GLY D 53 11.55 3.98 23.29
CA GLY D 53 12.96 4.36 23.31
C GLY D 53 13.23 5.39 24.37
N VAL D 54 14.52 5.68 24.57
CA VAL D 54 14.95 6.72 25.49
C VAL D 54 15.74 7.72 24.68
N TYR D 55 15.37 8.98 24.82
CA TYR D 55 16.02 10.06 24.09
C TYR D 55 16.25 11.22 25.04
N HIS D 56 17.50 11.65 25.16
CA HIS D 56 17.91 12.67 26.14
C HIS D 56 17.21 12.52 27.50
N ASN D 57 17.28 11.32 28.07
CA ASN D 57 16.68 11.06 29.39
C ASN D 57 15.16 11.06 29.42
N LYS D 58 14.51 11.15 28.26
CA LYS D 58 13.05 11.10 28.20
C LYS D 58 12.64 9.82 27.54
N GLU D 59 11.57 9.22 28.05
CA GLU D 59 11.03 8.01 27.45
C GLU D 59 10.06 8.42 26.35
N ILE D 60 10.32 7.97 25.13
CA ILE D 60 9.42 8.27 24.02
C ILE D 60 8.77 6.99 23.54
N ILE D 61 7.48 7.08 23.21
CA ILE D 61 6.69 5.97 22.69
C ILE D 61 6.10 6.44 21.36
N VAL D 62 6.53 5.84 20.27
CA VAL D 62 6.16 6.29 18.93
C VAL D 62 5.27 5.23 18.28
N ALA D 63 4.17 5.65 17.66
CA ALA D 63 3.34 4.71 16.90
C ALA D 63 2.59 5.41 15.80
N TYR D 64 2.28 4.69 14.73
CA TYR D 64 1.25 5.15 13.81
C TYR D 64 -0.05 4.42 14.13
N SER D 65 -1.16 5.16 14.13
CA SER D 65 -2.43 4.59 14.55
C SER D 65 -3.10 3.74 13.49
N LYS D 66 -2.76 4.00 12.24
CA LYS D 66 -3.60 3.72 11.06
C LYS D 66 -4.65 4.83 10.89
N ILE D 67 -5.18 4.91 9.69
CA ILE D 67 -5.96 6.05 9.25
C ILE D 67 -7.31 6.17 9.95
N GLY D 68 -7.68 7.39 10.33
CA GLY D 68 -9.06 7.67 10.69
C GLY D 68 -9.37 7.78 12.16
N LYS D 69 -10.63 8.08 12.45
CA LYS D 69 -11.00 8.44 13.81
C LYS D 69 -10.99 7.27 14.79
N VAL D 70 -11.52 6.12 14.37
CA VAL D 70 -11.54 4.96 15.27
C VAL D 70 -10.13 4.46 15.58
N HIS D 71 -9.32 4.28 14.54
CA HIS D 71 -7.93 3.88 14.72
C HIS D 71 -7.20 4.81 15.69
N SER D 72 -7.32 6.11 15.44
CA SER D 72 -6.53 7.05 16.23
C SER D 72 -7.05 7.17 17.66
N THR D 73 -8.35 7.02 17.86
CA THR D 73 -8.92 6.99 19.20
C THR D 73 -8.38 5.81 20.01
N LEU D 74 -8.38 4.64 19.36
CA LEU D 74 -7.86 3.43 19.98
C LEU D 74 -6.41 3.60 20.41
N THR D 75 -5.57 4.03 19.47
CA THR D 75 -4.14 4.11 19.72
C THR D 75 -3.82 5.13 20.79
N THR D 76 -4.53 6.25 20.79
CA THR D 76 -4.28 7.24 21.82
C THR D 76 -4.68 6.72 23.20
N THR D 77 -5.80 6.02 23.27
CA THR D 77 -6.26 5.48 24.55
C THR D 77 -5.25 4.44 25.06
N SER D 78 -4.75 3.59 24.16
CA SER D 78 -3.67 2.64 24.51
C SER D 78 -2.41 3.32 25.03
N MET D 79 -1.97 4.37 24.35
CA MET D 79 -0.79 5.12 24.78
CA MET D 79 -0.79 5.11 24.79
C MET D 79 -0.94 5.58 26.21
N ILE D 80 -2.10 6.14 26.53
CA ILE D 80 -2.35 6.68 27.87
C ILE D 80 -2.52 5.58 28.92
N LEU D 81 -3.38 4.60 28.65
CA LEU D 81 -3.69 3.57 29.64
C LEU D 81 -2.60 2.52 29.78
N ALA D 82 -1.98 2.12 28.68
CA ALA D 82 -1.05 0.98 28.73
C ALA D 82 0.39 1.44 28.91
N PHE D 83 0.73 2.59 28.36
CA PHE D 83 2.09 3.08 28.43
C PHE D 83 2.27 4.28 29.37
N GLY D 84 1.17 4.81 29.90
CA GLY D 84 1.23 5.90 30.89
C GLY D 84 1.88 7.18 30.40
N VAL D 85 1.69 7.53 29.12
CA VAL D 85 2.26 8.77 28.61
C VAL D 85 1.65 9.97 29.32
N GLN D 86 2.47 11.00 29.51
CA GLN D 86 2.10 12.20 30.26
C GLN D 86 1.78 13.37 29.34
N LYS D 87 2.17 13.25 28.07
CA LYS D 87 1.92 14.23 27.02
C LYS D 87 1.81 13.46 25.71
N VAL D 88 1.02 13.98 24.78
CA VAL D 88 0.92 13.38 23.44
C VAL D 88 1.18 14.45 22.38
N LEU D 89 2.10 14.14 21.47
CA LEU D 89 2.41 14.99 20.34
C LEU D 89 2.07 14.23 19.08
N PHE D 90 1.23 14.82 18.24
CA PHE D 90 0.86 14.22 16.96
C PHE D 90 1.59 14.96 15.86
N SER D 91 2.17 14.22 14.91
CA SER D 91 2.87 14.77 13.76
C SER D 91 2.41 14.06 12.51
N GLY D 92 2.08 14.85 11.48
CA GLY D 92 1.68 14.29 10.21
C GLY D 92 1.34 15.38 9.21
N VAL D 93 0.56 15.02 8.19
CA VAL D 93 0.24 15.91 7.08
C VAL D 93 -1.25 16.26 7.08
N ALA D 94 -1.62 17.28 6.32
CA ALA D 94 -3.01 17.73 6.29
C ALA D 94 -3.31 18.48 5.01
N GLY D 95 -4.59 18.60 4.72
CA GLY D 95 -5.07 19.42 3.62
C GLY D 95 -5.30 20.85 4.07
N SER D 96 -4.84 21.81 3.28
CA SER D 96 -5.07 23.22 3.56
C SER D 96 -6.45 23.69 3.12
N LEU D 97 -7.08 24.49 3.99
CA LEU D 97 -8.37 25.12 3.70
C LEU D 97 -8.27 26.63 3.50
N VAL D 98 -7.07 27.18 3.64
CA VAL D 98 -6.88 28.63 3.57
C VAL D 98 -5.69 28.95 2.66
N LYS D 99 -5.82 30.05 1.90
CA LYS D 99 -4.82 30.41 0.89
C LYS D 99 -3.41 30.63 1.44
N ASP D 100 -3.29 31.04 2.70
CA ASP D 100 -1.98 31.34 3.27
C ASP D 100 -1.26 30.11 3.82
N LEU D 101 -1.94 28.96 3.79
CA LEU D 101 -1.31 27.69 4.16
C LEU D 101 -1.02 26.93 2.88
N LYS D 102 0.24 26.92 2.50
CA LYS D 102 0.67 26.30 1.26
C LYS D 102 1.38 24.98 1.54
N ILE D 103 1.57 24.20 0.48
CA ILE D 103 2.28 22.93 0.56
C ILE D 103 3.55 23.09 1.38
N ASN D 104 3.72 22.20 2.37
CA ASN D 104 4.87 22.14 3.28
C ASN D 104 4.78 23.03 4.51
N ASP D 105 3.87 24.01 4.50
CA ASP D 105 3.71 24.90 5.66
C ASP D 105 3.26 24.11 6.89
N LEU D 106 3.76 24.54 8.05
CA LEU D 106 3.42 23.94 9.32
C LEU D 106 2.31 24.69 10.02
N LEU D 107 1.42 23.95 10.68
CA LEU D 107 0.49 24.60 11.60
C LEU D 107 0.26 23.76 12.82
N VAL D 108 -0.01 24.44 13.92
CA VAL D 108 -0.38 23.78 15.15
C VAL D 108 -1.87 24.04 15.39
N ALA D 109 -2.60 23.04 15.85
CA ALA D 109 -4.02 23.19 16.11
C ALA D 109 -4.23 24.01 17.36
N THR D 110 -5.12 24.99 17.28
CA THR D 110 -5.61 25.66 18.48
C THR D 110 -6.67 24.80 19.11
N GLN D 111 -7.74 24.60 18.35
CA GLN D 111 -8.86 23.77 18.75
C GLN D 111 -9.20 22.86 17.57
N LEU D 112 -9.87 21.74 17.84
CA LEU D 112 -10.23 20.80 16.78
C LEU D 112 -11.70 20.43 16.82
N VAL D 113 -12.22 19.98 15.68
CA VAL D 113 -13.63 19.60 15.56
C VAL D 113 -13.77 18.31 14.77
N GLN D 114 -14.83 17.55 15.05
CA GLN D 114 -15.18 16.40 14.22
C GLN D 114 -16.20 16.88 13.20
N HIS D 115 -15.73 17.15 11.99
CA HIS D 115 -16.56 17.86 11.00
C HIS D 115 -17.68 17.04 10.40
N ASP D 116 -17.62 15.71 10.57
CA ASP D 116 -18.60 14.81 9.99
C ASP D 116 -19.67 14.35 10.93
N VAL D 117 -19.69 14.88 12.15
CA VAL D 117 -20.73 14.57 13.12
C VAL D 117 -22.00 15.32 12.75
N ASP D 118 -23.11 14.61 12.63
CA ASP D 118 -24.37 15.22 12.21
C ASP D 118 -25.52 14.64 13.00
N LEU D 119 -25.94 15.36 14.03
CA LEU D 119 -27.19 15.04 14.75
C LEU D 119 -28.24 16.12 14.53
N SER D 120 -28.23 16.70 13.32
CA SER D 120 -29.15 17.78 12.95
C SER D 120 -30.62 17.34 12.92
N ALA D 121 -30.89 16.05 12.82
CA ALA D 121 -32.26 15.53 12.91
C ALA D 121 -32.90 15.89 14.24
N PHE D 122 -32.09 16.17 15.26
CA PHE D 122 -32.58 16.61 16.57
C PHE D 122 -32.23 18.07 16.85
N ASP D 123 -31.97 18.82 15.78
CA ASP D 123 -31.63 20.24 15.88
C ASP D 123 -30.33 20.55 16.61
N HIS D 124 -29.41 19.59 16.70
CA HIS D 124 -28.06 19.87 17.21
C HIS D 124 -27.22 20.49 16.14
N PRO D 125 -26.41 21.50 16.51
CA PRO D 125 -25.47 22.02 15.53
C PRO D 125 -24.55 20.93 15.00
N LEU D 126 -24.11 21.08 13.76
CA LEU D 126 -23.19 20.11 13.19
C LEU D 126 -21.90 20.12 14.01
N GLY D 127 -21.32 18.94 14.22
CA GLY D 127 -20.13 18.82 15.03
C GLY D 127 -20.39 18.56 16.51
N PHE D 128 -21.60 18.84 16.96
CA PHE D 128 -21.95 18.68 18.37
C PHE D 128 -22.55 17.31 18.69
N ILE D 129 -22.09 16.73 19.80
CA ILE D 129 -22.72 15.54 20.39
C ILE D 129 -23.13 15.87 21.83
N PRO D 130 -24.36 15.49 22.23
CA PRO D 130 -24.70 15.64 23.65
C PRO D 130 -23.64 15.11 24.61
N GLU D 131 -23.47 15.82 25.72
CA GLU D 131 -22.46 15.52 26.76
C GLU D 131 -21.03 15.75 26.26
N SER D 132 -20.91 16.52 25.17
CA SER D 132 -19.63 16.91 24.62
C SER D 132 -19.68 18.38 24.18
N ALA D 133 -18.84 18.73 23.21
CA ALA D 133 -18.72 20.10 22.71
C ALA D 133 -18.20 20.02 21.28
N ILE D 134 -18.54 21.02 20.49
CA ILE D 134 -18.04 21.09 19.12
C ILE D 134 -16.51 21.17 19.08
N PHE D 135 -15.93 22.09 19.86
CA PHE D 135 -14.49 22.34 19.80
C PHE D 135 -13.73 21.70 20.95
N ILE D 136 -12.64 21.00 20.61
CA ILE D 136 -11.78 20.34 21.57
C ILE D 136 -10.53 21.19 21.75
N GLU D 137 -10.14 21.42 23.00
CA GLU D 137 -8.99 22.27 23.32
C GLU D 137 -7.69 21.47 23.43
N THR D 138 -6.58 22.16 23.33
CA THR D 138 -5.23 21.58 23.37
C THR D 138 -4.36 22.37 24.37
N SER D 139 -3.11 21.96 24.50
CA SER D 139 -2.24 22.47 25.58
C SER D 139 -1.67 23.84 25.24
N GLY D 140 -1.93 24.83 26.10
CA GLY D 140 -1.29 26.13 25.94
C GLY D 140 0.21 26.05 26.16
N SER D 141 0.65 25.22 27.09
CA SER D 141 2.09 25.04 27.31
C SER D 141 2.78 24.49 26.06
N LEU D 142 2.19 23.47 25.45
CA LEU D 142 2.78 22.90 24.24
C LEU D 142 2.63 23.83 23.03
N ASN D 143 1.54 24.59 22.97
CA ASN D 143 1.40 25.63 21.97
C ASN D 143 2.54 26.63 22.06
N ALA D 144 2.83 27.04 23.30
CA ALA D 144 3.92 27.98 23.55
C ALA D 144 5.26 27.41 23.13
N LEU D 145 5.49 26.13 23.42
CA LEU D 145 6.73 25.45 23.03
C LEU D 145 6.89 25.43 21.52
N ALA D 146 5.82 25.10 20.81
CA ALA D 146 5.85 25.09 19.35
C ALA D 146 6.24 26.46 18.79
N LYS D 147 5.64 27.51 19.32
CA LYS D 147 5.98 28.88 18.90
C LYS D 147 7.42 29.24 19.23
N LYS D 148 7.91 28.77 20.37
CA LYS D 148 9.31 28.98 20.78
C LYS D 148 10.28 28.35 19.78
N ILE D 149 10.03 27.09 19.39
CA ILE D 149 10.84 26.43 18.35
C ILE D 149 10.80 27.22 17.05
N ALA D 150 9.59 27.58 16.62
CA ALA D 150 9.42 28.24 15.34
C ALA D 150 10.18 29.57 15.31
N ASN D 151 10.10 30.32 16.39
CA ASN D 151 10.79 31.60 16.51
C ASN D 151 12.30 31.41 16.53
N GLU D 152 12.77 30.49 17.36
CA GLU D 152 14.21 30.19 17.44
C GLU D 152 14.78 29.66 16.13
N GLN D 153 13.99 28.96 15.32
CA GLN D 153 14.49 28.35 14.10
C GLN D 153 14.12 29.10 12.81
N HIS D 154 13.55 30.30 12.94
CA HIS D 154 13.14 31.09 11.78
C HIS D 154 12.27 30.28 10.82
N ILE D 155 11.34 29.51 11.39
CA ILE D 155 10.35 28.75 10.63
C ILE D 155 9.00 29.43 10.85
N ALA D 156 8.23 29.58 9.78
CA ALA D 156 6.88 30.09 9.91
C ALA D 156 5.99 29.00 10.50
N LEU D 157 5.22 29.35 11.51
CA LEU D 157 4.25 28.45 12.11
C LEU D 157 2.94 29.19 12.22
N LYS D 158 1.90 28.62 11.63
CA LYS D 158 0.56 29.13 11.81
C LYS D 158 -0.12 28.37 12.92
N GLU D 159 -1.18 28.95 13.44
CA GLU D 159 -2.05 28.23 14.36
C GLU D 159 -3.49 28.49 13.96
N GLY D 160 -4.33 27.48 14.14
CA GLY D 160 -5.74 27.62 13.86
C GLY D 160 -6.50 26.33 14.08
N VAL D 161 -7.78 26.33 13.71
CA VAL D 161 -8.66 25.21 13.92
C VAL D 161 -8.39 24.11 12.88
N ILE D 162 -8.33 22.87 13.36
CA ILE D 162 -8.21 21.71 12.48
C ILE D 162 -9.48 20.88 12.59
N ALA D 163 -10.02 20.54 11.43
CA ALA D 163 -11.22 19.72 11.29
C ALA D 163 -10.84 18.30 10.93
N SER D 164 -11.44 17.33 11.60
CA SER D 164 -11.14 15.93 11.37
C SER D 164 -12.41 15.17 11.06
N GLY D 165 -12.33 14.25 10.11
CA GLY D 165 -13.44 13.37 9.79
C GLY D 165 -12.94 12.11 9.14
N ASP D 166 -13.86 11.19 8.87
CA ASP D 166 -13.49 9.91 8.28
C ASP D 166 -13.60 9.88 6.74
N GLN D 167 -13.47 11.04 6.12
CA GLN D 167 -13.42 11.17 4.67
C GLN D 167 -12.16 11.93 4.30
N PHE D 168 -11.51 11.52 3.21
CA PHE D 168 -10.44 12.33 2.64
C PHE D 168 -11.11 13.39 1.78
N VAL D 169 -10.89 14.66 2.10
CA VAL D 169 -11.64 15.74 1.47
C VAL D 169 -10.96 16.15 0.16
N HIS D 170 -11.73 16.18 -0.93
CA HIS D 170 -11.16 16.47 -2.24
C HIS D 170 -12.20 17.14 -3.11
N SER D 171 -12.86 18.14 -2.54
CA SER D 171 -13.86 18.91 -3.29
C SER D 171 -13.98 20.32 -2.76
N LYS D 172 -14.16 21.27 -3.67
CA LYS D 172 -14.36 22.67 -3.31
CA LYS D 172 -14.33 22.65 -3.27
C LYS D 172 -15.54 22.83 -2.36
N GLU D 173 -16.62 22.09 -2.65
CA GLU D 173 -17.84 22.23 -1.86
C GLU D 173 -17.62 21.84 -0.41
N ARG D 174 -16.90 20.74 -0.17
CA ARG D 174 -16.65 20.33 1.20
C ARG D 174 -15.70 21.27 1.90
N LYS D 175 -14.66 21.73 1.18
CA LYS D 175 -13.74 22.71 1.75
C LYS D 175 -14.49 23.92 2.26
N GLU D 176 -15.37 24.44 1.42
CA GLU D 176 -16.12 25.65 1.75
C GLU D 176 -17.05 25.42 2.94
N PHE D 177 -17.60 24.23 3.05
CA PHE D 177 -18.36 23.88 4.24
C PHE D 177 -17.50 23.94 5.51
N LEU D 178 -16.29 23.40 5.44
CA LEU D 178 -15.43 23.36 6.63
C LEU D 178 -15.07 24.77 7.08
N VAL D 179 -14.86 25.65 6.12
CA VAL D 179 -14.51 27.02 6.44
C VAL D 179 -15.72 27.77 7.00
N SER D 180 -16.87 27.64 6.37
CA SER D 180 -18.06 28.39 6.80
C SER D 180 -18.61 27.89 8.13
N GLU D 181 -18.65 26.57 8.30
CA GLU D 181 -19.24 26.00 9.51
C GLU D 181 -18.32 26.08 10.71
N PHE D 182 -17.02 25.80 10.53
CA PHE D 182 -16.11 25.66 11.67
C PHE D 182 -14.94 26.64 11.69
N LYS D 183 -14.83 27.49 10.67
CA LYS D 183 -13.70 28.40 10.53
C LYS D 183 -12.37 27.63 10.60
N ALA D 184 -12.35 26.42 10.05
CA ALA D 184 -11.15 25.60 10.06
C ALA D 184 -10.08 26.08 9.07
N SER D 185 -8.82 25.82 9.42
CA SER D 185 -7.66 26.16 8.60
C SER D 185 -7.10 24.95 7.84
N ALA D 186 -7.29 23.75 8.39
CA ALA D 186 -6.83 22.54 7.74
C ALA D 186 -7.74 21.38 8.06
N VAL D 187 -7.59 20.31 7.28
CA VAL D 187 -8.44 19.11 7.40
C VAL D 187 -7.59 17.86 7.40
N GLU D 188 -7.95 16.93 8.28
CA GLU D 188 -7.26 15.64 8.36
C GLU D 188 -8.24 14.63 8.93
N MET D 189 -7.79 13.46 9.42
CA MET D 189 -8.71 12.38 9.78
C MET D 189 -8.46 11.80 11.18
N GLU D 190 -7.66 12.48 12.01
CA GLU D 190 -7.20 11.96 13.31
C GLU D 190 -7.00 12.97 14.45
N GLY D 191 -6.74 14.23 14.12
CA GLY D 191 -6.37 15.20 15.15
C GLY D 191 -7.43 15.33 16.22
N ALA D 192 -8.68 15.50 15.80
CA ALA D 192 -9.75 15.75 16.76
C ALA D 192 -9.91 14.57 17.71
N SER D 193 -9.81 13.35 17.18
CA SER D 193 -10.00 12.18 18.01
C SER D 193 -8.81 12.02 19.01
N VAL D 194 -7.59 12.28 18.55
CA VAL D 194 -6.43 12.23 19.44
C VAL D 194 -6.58 13.27 20.56
N ALA D 195 -6.87 14.51 20.18
CA ALA D 195 -7.04 15.59 21.14
C ALA D 195 -8.21 15.33 22.08
N PHE D 196 -9.29 14.73 21.56
CA PHE D 196 -10.46 14.40 22.36
C PHE D 196 -10.09 13.41 23.47
N VAL D 197 -9.41 12.34 23.10
CA VAL D 197 -8.98 11.34 24.10
C VAL D 197 -8.10 11.99 25.14
N CYS D 198 -7.12 12.77 24.70
CA CYS D 198 -6.21 13.41 25.64
C CYS D 198 -6.95 14.31 26.62
N GLN D 199 -7.92 15.06 26.12
CA GLN D 199 -8.67 15.94 27.01
C GLN D 199 -9.48 15.12 28.02
N LYS D 200 -10.04 13.99 27.61
CA LYS D 200 -10.79 13.13 28.55
C LYS D 200 -9.96 12.57 29.68
N PHE D 201 -8.67 12.34 29.41
CA PHE D 201 -7.76 11.78 30.41
C PHE D 201 -6.88 12.84 31.07
N GLY D 202 -7.09 14.10 30.74
CA GLY D 202 -6.26 15.19 31.30
C GLY D 202 -4.80 15.15 30.91
N VAL D 203 -4.52 14.72 29.68
CA VAL D 203 -3.18 14.63 29.17
C VAL D 203 -2.93 15.76 28.16
N PRO D 204 -1.90 16.59 28.40
CA PRO D 204 -1.58 17.65 27.44
C PRO D 204 -1.32 17.12 26.03
N CYS D 205 -1.90 17.79 25.04
CA CYS D 205 -1.84 17.35 23.64
C CYS D 205 -1.44 18.50 22.74
N CYS D 206 -0.62 18.22 21.74
CA CYS D 206 -0.34 19.18 20.68
C CYS D 206 -0.50 18.42 19.36
N VAL D 207 -1.25 19.02 18.43
CA VAL D 207 -1.39 18.44 17.08
C VAL D 207 -0.68 19.30 16.06
N LEU D 208 0.35 18.74 15.41
CA LEU D 208 1.15 19.45 14.43
C LEU D 208 0.94 18.81 13.06
N ARG D 209 0.76 19.65 12.05
CA ARG D 209 0.56 19.15 10.70
C ARG D 209 1.32 19.98 9.69
N SER D 210 1.85 19.33 8.65
CA SER D 210 2.42 20.02 7.50
C SER D 210 1.52 19.77 6.28
N ILE D 211 1.29 20.82 5.49
CA ILE D 211 0.33 20.73 4.39
C ILE D 211 0.83 19.81 3.27
N SER D 212 0.00 18.86 2.86
CA SER D 212 0.34 17.95 1.73
C SER D 212 -0.48 18.23 0.47
N ASP D 213 -1.58 18.96 0.60
CA ASP D 213 -2.51 19.18 -0.51
C ASP D 213 -3.48 20.30 -0.16
N ASN D 214 -4.32 20.68 -1.12
CA ASN D 214 -5.31 21.75 -0.94
C ASN D 214 -6.74 21.24 -0.80
N ALA D 215 -6.92 19.94 -0.52
CA ALA D 215 -8.24 19.38 -0.18
C ALA D 215 -9.27 19.59 -1.29
N ASP D 216 -8.78 19.68 -2.52
CA ASP D 216 -9.61 19.96 -3.69
C ASP D 216 -9.56 18.76 -4.62
N GLU D 217 -10.04 18.88 -5.86
CA GLU D 217 -10.12 17.71 -6.74
C GLU D 217 -8.76 17.09 -7.08
N LYS D 218 -7.68 17.87 -6.95
CA LYS D 218 -6.32 17.36 -7.17
C LYS D 218 -5.64 16.85 -5.91
N ALA D 219 -6.37 16.79 -4.79
CA ALA D 219 -5.75 16.46 -3.52
C ALA D 219 -5.11 15.08 -3.46
N GLY D 220 -5.71 14.07 -4.10
CA GLY D 220 -5.14 12.73 -4.05
C GLY D 220 -3.77 12.70 -4.66
N MET D 221 -3.67 13.32 -5.83
CA MET D 221 -2.39 13.38 -6.53
CA MET D 221 -2.39 13.40 -6.56
C MET D 221 -1.38 14.28 -5.82
N SER D 222 -1.84 15.39 -5.26
CA SER D 222 -0.94 16.26 -4.47
C SER D 222 -0.42 15.52 -3.23
N PHE D 223 -1.33 14.89 -2.50
CA PHE D 223 -0.96 14.13 -1.33
C PHE D 223 0.11 13.08 -1.66
N ASP D 224 -0.08 12.34 -2.74
CA ASP D 224 0.91 11.33 -3.10
C ASP D 224 2.26 11.96 -3.41
N GLU D 225 2.24 13.13 -4.04
CA GLU D 225 3.49 13.81 -4.39
C GLU D 225 4.26 14.34 -3.18
N PHE D 226 3.53 14.87 -2.18
CA PHE D 226 4.14 15.63 -1.10
C PHE D 226 4.12 14.94 0.27
N LEU D 227 3.52 13.76 0.37
CA LEU D 227 3.46 13.07 1.65
C LEU D 227 4.84 12.93 2.29
N GLU D 228 5.83 12.48 1.54
CA GLU D 228 7.16 12.24 2.11
C GLU D 228 7.76 13.52 2.66
N LYS D 229 7.79 14.58 1.85
CA LYS D 229 8.43 15.82 2.24
C LYS D 229 7.69 16.48 3.41
N SER D 230 6.37 16.56 3.29
CA SER D 230 5.57 17.19 4.35
C SER D 230 5.66 16.40 5.66
N ALA D 231 5.65 15.08 5.57
CA ALA D 231 5.80 14.25 6.76
C ALA D 231 7.15 14.47 7.44
N HIS D 232 8.20 14.68 6.65
CA HIS D 232 9.54 14.94 7.17
C HIS D 232 9.60 16.32 7.84
N THR D 233 8.97 17.30 7.22
CA THR D 233 8.92 18.66 7.77
C THR D 233 8.26 18.64 9.13
N SER D 234 7.12 17.95 9.26
CA SER D 234 6.46 17.86 10.56
C SER D 234 7.30 17.08 11.60
N ALA D 235 7.90 15.99 11.16
CA ALA D 235 8.70 15.17 12.06
C ALA D 235 9.89 15.92 12.61
N LYS D 236 10.57 16.68 11.76
CA LYS D 236 11.70 17.49 12.21
C LYS D 236 11.30 18.51 13.27
N PHE D 237 10.14 19.14 13.06
CA PHE D 237 9.67 20.14 14.01
C PHE D 237 9.31 19.49 15.34
N LEU D 238 8.62 18.35 15.27
CA LEU D 238 8.27 17.62 16.46
C LEU D 238 9.53 17.20 17.24
N LYS D 239 10.58 16.77 16.55
CA LYS D 239 11.82 16.42 17.24
C LYS D 239 12.43 17.65 17.94
N SER D 240 12.42 18.79 17.27
CA SER D 240 12.88 20.05 17.86
C SER D 240 12.10 20.39 19.14
N MET D 241 10.80 20.12 19.16
CA MET D 241 10.00 20.37 20.36
C MET D 241 10.40 19.41 21.47
N VAL D 242 10.59 18.14 21.13
CA VAL D 242 10.95 17.17 22.15
C VAL D 242 12.31 17.51 22.78
N ASP D 243 13.24 18.04 21.99
CA ASP D 243 14.55 18.49 22.48
C ASP D 243 14.43 19.55 23.60
N GLU D 244 13.45 20.45 23.45
CA GLU D 244 13.24 21.51 24.44
C GLU D 244 12.44 21.08 25.67
N LEU D 245 11.78 19.92 25.59
CA LEU D 245 11.01 19.40 26.72
C LEU D 245 11.91 18.90 27.84
C5' 3QA E . 17.77 -18.48 -7.59
C4' 3QA E . 18.92 -17.54 -7.94
C3' 3QA E . 18.59 -16.60 -9.10
O3' 3QA E . 19.21 -15.33 -8.93
C2' 3QA E . 19.20 -17.27 -10.28
C1' 3QA E . 20.15 -18.31 -8.41
C8 3QA E . 21.52 -21.15 -10.20
N7 3QA E . 20.94 -22.31 -10.60
C5 3QA E . 19.89 -22.06 -11.39
C6 3QA E . 18.89 -22.87 -12.10
N1 3QA E . 17.95 -22.21 -12.83
C2 3QA E . 17.94 -20.88 -12.89
N3 3QA E . 18.81 -20.06 -12.28
C4 3QA E . 19.79 -20.63 -11.54
N1' 3QA E . 20.50 -17.71 -9.71
C6' 3QA E . 16.68 -17.70 -6.86
S6' 3QA E . 15.72 -18.75 -5.82
C20 3QA E . 16.66 -19.19 -4.39
C21 3QA E . 16.36 -18.22 -3.24
O22 3QA E . 15.00 -18.33 -2.82
C10 3QA E . 21.28 -18.59 -10.56
C9 3QA E . 20.86 -20.04 -10.73
N6 3QA E . 18.96 -24.20 -11.99
C23 3QA E . 14.83 -18.29 -1.40
C24 3QA E . 15.16 -16.89 -0.87
O25 3QA E . 13.98 -16.27 -0.36
S SO4 F . 24.51 -28.70 3.48
O1 SO4 F . 24.06 -28.95 4.88
O2 SO4 F . 23.69 -27.62 2.91
O3 SO4 F . 25.95 -28.36 3.50
O4 SO4 F . 24.40 -29.95 2.67
C5' 3QA G . 3.33 -8.24 -28.90
C5' 3QA G . 3.10 -8.21 -29.04
C4' 3QA G . 2.99 -6.84 -28.38
C3' 3QA G . 3.66 -6.76 -27.02
O3' 3QA G . 4.17 -5.44 -26.80
C2' 3QA G . 2.54 -7.08 -26.05
C1' 3QA G . 1.51 -6.52 -28.08
C8 3QA G . -1.83 -7.77 -27.00
N7 3QA G . -2.34 -9.03 -27.02
C5 3QA G . -1.55 -9.85 -26.32
C6 3QA G . -1.52 -11.29 -26.02
N1 3QA G . -0.50 -11.77 -25.26
C2 3QA G . 0.48 -10.95 -24.80
N3 3QA G . 0.55 -9.62 -25.05
C4 3QA G . -0.45 -9.07 -25.79
N1' 3QA G . 1.45 -6.27 -26.62
C6' 3QA G . 2.97 -8.52 -30.35
C6' 3QA G . 4.33 -8.32 -29.93
S6' 3QA G . 4.38 -9.12 -31.25
S6' 3QA G . 3.99 -7.63 -31.54
C20 3QA G . 3.84 -8.65 -32.84
C20 3QA G . 3.65 -8.77 -32.86
C21 3QA G . 4.79 -9.33 -33.77
O22 3QA G . 5.91 -8.48 -33.98
C10 3QA G . 0.17 -6.49 -25.95
C9 3QA G . -0.65 -7.71 -26.26
N6 3QA G . -2.53 -12.05 -26.50
C23 3QA G . 5.76 -7.60 -35.10
C24 3QA G . 7.04 -6.79 -35.30
O25 3QA G . 8.02 -7.57 -35.99
S SO4 H . -8.23 -6.09 -41.86
O1 SO4 H . -8.95 -7.34 -41.59
O2 SO4 H . -9.05 -4.93 -41.48
O3 SO4 H . -7.01 -6.01 -41.03
O4 SO4 H . -7.93 -5.99 -43.31
C5' 3QA I . -28.96 9.04 18.69
C4' 3QA I . -28.45 7.73 19.29
C3' 3QA I . -27.02 7.35 18.87
O3' 3QA I . -26.34 6.78 19.98
C2' 3QA I . -27.24 6.30 17.81
C1' 3QA I . -29.31 6.53 18.89
C8 3QA I . -31.20 4.73 16.34
N7 3QA I . -31.71 5.20 15.16
C5 3QA I . -30.71 5.65 14.37
C6 3QA I . -30.62 6.25 13.03
N1 3QA I . -29.38 6.62 12.62
C2 3QA I . -28.27 6.41 13.36
N3 3QA I . -28.26 5.86 14.60
C4 3QA I . -29.47 5.48 15.09
N1' 3QA I . -28.36 5.52 18.38
C6' 3QA I . -28.27 10.21 19.39
S6' 3QA I . -29.08 11.75 19.04
C20 3QA I . -30.62 11.78 19.89
C21 3QA I . -30.37 12.07 21.37
O22 3QA I . -31.49 11.61 22.13
C10 3QA I . -28.90 4.48 17.49
C9 3QA I . -29.82 4.90 16.39
N6 3QA I . -31.73 6.45 12.31
C23 3QA I . -31.19 11.51 23.53
C24 3QA I . -32.40 11.04 24.32
O25 3QA I . -33.53 11.87 24.07
C5' 3QA J . -4.96 9.76 3.95
C4' 3QA J . -4.25 10.18 5.24
C3' 3QA J . -5.15 10.19 6.47
O3' 3QA J . -4.43 9.66 7.58
C2' 3QA J . -5.46 11.66 6.71
C1' 3QA J . -3.70 11.61 5.15
C8 3QA J . -4.00 15.09 4.22
N7 3QA J . -4.81 15.65 3.27
C5 3QA J . -6.10 15.41 3.59
C6 3QA J . -7.40 15.71 2.99
N1 3QA J . -8.48 15.23 3.63
C2 3QA J . -8.42 14.53 4.78
N3 3QA J . -7.28 14.20 5.38
C4 3QA J . -6.13 14.63 4.81
N1' 3QA J . -4.15 12.26 6.40
C6' 3QA J . -5.18 8.24 3.91
S6' 3QA J . -5.61 7.64 2.29
C20 3QA J . -4.12 7.66 1.32
C21 3QA J . -3.23 6.52 1.75
O22 3QA J . -1.88 6.79 1.35
C10 3QA J . -4.17 13.74 6.40
C9 3QA J . -4.73 14.43 5.20
N6 3QA J . -7.48 16.42 1.85
C23 3QA J . -0.98 5.81 1.91
C24 3QA J . 0.46 6.16 1.56
O25 3QA J . 0.60 6.43 0.16
#